data_4E1Y
#
_entry.id   4E1Y
#
_cell.length_a   65.443
_cell.length_b   76.990
_cell.length_c   143.517
_cell.angle_alpha   90.00
_cell.angle_beta   90.00
_cell.angle_gamma   90.00
#
_symmetry.space_group_name_H-M   'P 21 21 21'
#
loop_
_entity.id
_entity.type
_entity.pdbx_description
1 polymer 'Alginate lyase'
2 water water
#
_entity_poly.entity_id   1
_entity_poly.type   'polypeptide(L)'
_entity_poly.pdbx_seq_one_letter_code
;GSHPFDQAVVKDPTASYVDVKARRTFLQSGQLDDRLKAALPKEYDCTTEATPNPQQGEMVIPRRYLSGNHGPVNPDYEPV
VTLYRDFEKISATLGNLYVATGKPVYATCLLNMLDKWAKADALLNYDPKSQSWYQVEWSAATAAFALSTMMAEPNVDTAQ
RERVVKWLNRVARHQTSFPGGDTSCCNNASYWRGQEATIIGVISKDDELFRWGLGRYVQAMGLINEDGSFVHEMTRHEQS
LHYQNYAMLPLTMIAETASRQGIDLYAYKENGRDIHSARKFVFAAVKNPDLIKKYASEPQDTRAFKPGRGDLNWIEYQRA
RFGFADELGFMTVPIFDPRTGGSGTLLAYKPQG
;
_entity_poly.pdbx_strand_id   A,B
#
# COMPACT_ATOMS: atom_id res chain seq x y z
N GLY A 1 -34.32 -26.21 20.98
CA GLY A 1 -33.02 -26.04 20.37
C GLY A 1 -32.12 -27.24 20.56
N SER A 2 -30.80 -27.01 20.60
CA SER A 2 -30.23 -25.68 20.42
C SER A 2 -30.03 -25.37 18.93
N HIS A 3 -29.63 -26.37 18.16
CA HIS A 3 -29.82 -26.40 16.70
C HIS A 3 -29.60 -27.85 16.20
N PRO A 4 -30.02 -28.15 14.96
CA PRO A 4 -29.98 -29.51 14.42
C PRO A 4 -28.57 -30.11 14.29
N PHE A 5 -27.53 -29.30 14.33
CA PHE A 5 -26.19 -29.83 14.10
C PHE A 5 -25.39 -29.81 15.39
N ASP A 6 -26.08 -29.68 16.53
CA ASP A 6 -25.34 -29.55 17.79
C ASP A 6 -24.78 -30.88 18.35
N GLN A 7 -24.84 -31.96 17.58
CA GLN A 7 -24.07 -33.15 17.91
C GLN A 7 -23.05 -33.50 16.81
N ALA A 8 -22.95 -32.67 15.78
CA ALA A 8 -21.99 -32.93 14.70
C ALA A 8 -20.56 -33.01 15.22
N VAL A 9 -19.72 -33.81 14.57
CA VAL A 9 -18.33 -33.88 15.00
C VAL A 9 -17.37 -33.66 13.81
N VAL A 10 -16.16 -33.21 14.13
CA VAL A 10 -15.14 -33.13 13.11
C VAL A 10 -14.67 -34.55 12.85
N LYS A 11 -14.90 -35.03 11.63
CA LYS A 11 -14.48 -36.37 11.25
CA LYS A 11 -14.48 -36.37 11.25
C LYS A 11 -13.04 -36.41 10.77
N ASP A 12 -12.58 -35.33 10.14
CA ASP A 12 -11.22 -35.35 9.59
C ASP A 12 -10.62 -33.95 9.56
N PRO A 13 -9.71 -33.66 10.50
CA PRO A 13 -9.09 -32.34 10.60
C PRO A 13 -8.25 -31.98 9.38
N THR A 14 -7.94 -32.95 8.51
CA THR A 14 -7.13 -32.67 7.35
C THR A 14 -7.98 -32.44 6.11
N ALA A 15 -9.31 -32.52 6.22
CA ALA A 15 -10.13 -32.50 4.98
C ALA A 15 -10.23 -31.13 4.30
N SER A 16 -9.98 -30.05 5.04
CA SER A 16 -9.89 -28.72 4.43
C SER A 16 -11.23 -28.31 3.84
N TYR A 17 -11.19 -27.37 2.89
CA TYR A 17 -12.44 -26.84 2.35
C TYR A 17 -12.54 -27.16 0.87
N VAL A 18 -11.54 -27.87 0.34
CA VAL A 18 -11.62 -28.45 -0.99
C VAL A 18 -10.92 -29.78 -0.87
N ASP A 19 -11.12 -30.63 -1.87
CA ASP A 19 -10.31 -31.86 -1.95
C ASP A 19 -8.95 -31.50 -2.57
N VAL A 20 -7.95 -31.33 -1.72
CA VAL A 20 -6.66 -30.78 -2.13
C VAL A 20 -5.95 -31.67 -3.16
N LYS A 21 -5.83 -32.96 -2.84
CA LYS A 21 -5.18 -33.91 -3.74
C LYS A 21 -5.90 -34.00 -5.11
N ALA A 22 -7.22 -34.16 -5.08
CA ALA A 22 -7.98 -34.28 -6.33
C ALA A 22 -7.87 -33.00 -7.17
N ARG A 23 -7.88 -31.85 -6.54
CA ARG A 23 -7.82 -30.64 -7.30
C ARG A 23 -6.43 -30.47 -7.89
N ARG A 24 -5.42 -30.81 -7.12
CA ARG A 24 -4.04 -30.69 -7.58
C ARG A 24 -3.86 -31.57 -8.82
N THR A 25 -4.29 -32.81 -8.71
CA THR A 25 -4.23 -33.73 -9.82
C THR A 25 -4.95 -33.18 -11.05
N PHE A 26 -6.17 -32.72 -10.88
CA PHE A 26 -6.88 -32.11 -11.97
C PHE A 26 -6.08 -31.00 -12.64
N LEU A 27 -5.48 -30.13 -11.85
CA LEU A 27 -4.78 -28.97 -12.39
C LEU A 27 -3.60 -29.44 -13.25
N GLN A 28 -3.01 -30.58 -12.89
CA GLN A 28 -1.81 -31.05 -13.58
C GLN A 28 -2.17 -31.92 -14.82
N SER A 29 -3.37 -32.49 -14.83
CA SER A 29 -3.75 -33.46 -15.87
C SER A 29 -4.86 -32.99 -16.85
N GLY A 30 -5.71 -32.07 -16.41
CA GLY A 30 -6.90 -31.76 -17.15
C GLY A 30 -6.69 -30.79 -18.30
N GLN A 31 -7.70 -30.69 -19.14
CA GLN A 31 -7.74 -29.70 -20.19
C GLN A 31 -8.03 -28.32 -19.61
N LEU A 32 -7.01 -27.48 -19.41
CA LEU A 32 -7.27 -26.18 -18.80
C LEU A 32 -7.72 -25.16 -19.85
N ASP A 33 -8.63 -24.28 -19.48
CA ASP A 33 -8.98 -23.22 -20.41
C ASP A 33 -8.23 -21.96 -20.03
N ASP A 34 -8.43 -20.88 -20.75
CA ASP A 34 -7.61 -19.69 -20.56
C ASP A 34 -7.79 -19.05 -19.18
N ARG A 35 -9.03 -19.09 -18.72
CA ARG A 35 -9.40 -18.55 -17.43
C ARG A 35 -8.67 -19.28 -16.32
N LEU A 36 -8.70 -20.60 -16.37
CA LEU A 36 -8.06 -21.40 -15.33
C LEU A 36 -6.53 -21.22 -15.40
N LYS A 37 -5.98 -21.22 -16.61
CA LYS A 37 -4.54 -20.95 -16.78
C LYS A 37 -4.15 -19.60 -16.18
N ALA A 38 -5.01 -18.60 -16.36
CA ALA A 38 -4.74 -17.27 -15.82
C ALA A 38 -4.73 -17.30 -14.29
N ALA A 39 -5.39 -18.30 -13.69
CA ALA A 39 -5.45 -18.39 -12.23
C ALA A 39 -4.28 -19.11 -11.58
N LEU A 40 -3.46 -19.84 -12.34
CA LEU A 40 -2.35 -20.56 -11.70
C LEU A 40 -1.43 -19.56 -11.02
N PRO A 41 -1.10 -19.78 -9.74
CA PRO A 41 -0.30 -18.77 -9.03
C PRO A 41 1.18 -18.88 -9.47
N LYS A 42 1.97 -17.83 -9.35
CA LYS A 42 3.35 -17.95 -9.81
C LYS A 42 4.22 -18.35 -8.63
N GLU A 43 5.09 -19.30 -8.88
CA GLU A 43 6.03 -19.69 -7.87
C GLU A 43 7.03 -18.60 -7.59
N TYR A 44 7.58 -18.61 -6.37
CA TYR A 44 8.60 -17.66 -5.98
C TYR A 44 9.28 -18.21 -4.75
N ASP A 45 10.38 -17.57 -4.35
CA ASP A 45 11.16 -18.05 -3.22
C ASP A 45 10.60 -17.41 -1.97
N CYS A 46 9.66 -18.09 -1.34
CA CYS A 46 9.00 -17.54 -0.19
C CYS A 46 9.95 -17.54 1.00
N THR A 47 11.00 -18.37 0.96
CA THR A 47 11.90 -18.41 2.12
C THR A 47 12.62 -17.09 2.40
N THR A 48 12.70 -16.18 1.42
CA THR A 48 13.45 -14.94 1.62
C THR A 48 12.51 -13.74 1.71
N GLU A 49 11.20 -14.00 1.63
CA GLU A 49 10.19 -12.94 1.61
C GLU A 49 10.07 -12.33 2.99
N ALA A 50 10.02 -11.00 3.08
CA ALA A 50 9.80 -10.36 4.37
C ALA A 50 8.32 -10.34 4.69
N THR A 51 7.95 -10.94 5.80
CA THR A 51 6.54 -11.05 6.13
C THR A 51 6.26 -10.12 7.28
N PRO A 52 5.02 -9.66 7.41
CA PRO A 52 4.70 -8.70 8.47
C PRO A 52 4.92 -9.24 9.87
N ASN A 53 5.38 -8.37 10.75
CA ASN A 53 5.50 -8.74 12.15
C ASN A 53 4.20 -8.33 12.84
N PRO A 54 3.80 -9.08 13.89
CA PRO A 54 2.52 -8.79 14.53
C PRO A 54 2.62 -7.53 15.40
N GLN A 55 1.49 -6.90 15.68
CA GLN A 55 1.44 -5.84 16.69
C GLN A 55 1.68 -6.45 18.06
N GLN A 56 2.55 -5.84 18.84
CA GLN A 56 2.76 -6.29 20.21
CA GLN A 56 2.77 -6.27 20.21
C GLN A 56 1.80 -5.55 21.14
N GLY A 57 1.49 -6.18 22.26
CA GLY A 57 0.58 -5.60 23.19
C GLY A 57 -0.83 -5.57 22.62
N GLU A 58 -1.58 -4.53 22.96
CA GLU A 58 -2.98 -4.44 22.58
C GLU A 58 -3.14 -4.19 21.10
N MET A 59 -3.95 -5.01 20.47
CA MET A 59 -4.26 -4.84 19.06
C MET A 59 -5.14 -3.62 18.87
N VAL A 60 -4.62 -2.60 18.21
CA VAL A 60 -5.40 -1.40 18.00
C VAL A 60 -5.40 -1.00 16.54
N ILE A 61 -6.59 -0.82 15.98
CA ILE A 61 -6.70 -0.24 14.64
C ILE A 61 -7.01 1.25 14.72
N PRO A 62 -6.08 2.10 14.24
CA PRO A 62 -6.25 3.56 14.26
C PRO A 62 -7.53 4.01 13.56
N ARG A 63 -8.09 5.15 13.98
CA ARG A 63 -9.18 5.77 13.23
C ARG A 63 -8.65 6.19 11.86
N ARG A 64 -9.53 6.12 10.85
CA ARG A 64 -9.12 6.31 9.47
C ARG A 64 -8.82 7.77 9.11
N TYR A 65 -9.65 8.68 9.62
CA TYR A 65 -9.49 10.09 9.29
C TYR A 65 -9.03 10.88 10.49
N LEU A 66 -8.24 11.92 10.22
CA LEU A 66 -7.81 12.82 11.27
C LEU A 66 -9.03 13.33 12.01
N SER A 67 -9.99 13.87 11.26
CA SER A 67 -11.23 14.36 11.82
C SER A 67 -12.44 14.03 10.93
N GLY A 68 -13.48 13.49 11.56
CA GLY A 68 -14.72 13.19 10.86
C GLY A 68 -14.68 11.98 9.96
N ASN A 69 -15.40 12.07 8.85
CA ASN A 69 -15.44 11.00 7.86
C ASN A 69 -14.99 11.48 6.48
N HIS A 70 -14.59 12.75 6.39
CA HIS A 70 -13.90 13.29 5.19
C HIS A 70 -12.44 13.57 5.50
N GLY A 71 -12.08 14.83 5.69
CA GLY A 71 -10.74 15.19 6.12
C GLY A 71 -9.63 14.42 5.44
N PRO A 72 -8.40 14.59 5.92
CA PRO A 72 -7.27 13.82 5.38
C PRO A 72 -7.05 12.52 6.16
N VAL A 73 -6.60 11.45 5.49
CA VAL A 73 -6.37 10.19 6.20
C VAL A 73 -5.39 10.34 7.33
N ASN A 74 -5.70 9.68 8.44
CA ASN A 74 -4.79 9.51 9.54
C ASN A 74 -3.51 8.78 9.07
N PRO A 75 -2.35 9.43 9.21
CA PRO A 75 -1.10 8.80 8.77
C PRO A 75 -0.71 7.54 9.57
N ASP A 76 -1.29 7.37 10.76
CA ASP A 76 -1.06 6.17 11.57
C ASP A 76 -1.82 4.96 11.03
N TYR A 77 -2.87 5.21 10.26
CA TYR A 77 -3.83 4.17 9.81
C TYR A 77 -3.27 3.12 8.84
N GLU A 78 -2.90 3.58 7.65
CA GLU A 78 -2.38 2.71 6.60
C GLU A 78 -1.32 1.70 7.02
N PRO A 79 -0.29 2.13 7.76
CA PRO A 79 0.75 1.16 8.17
C PRO A 79 0.15 0.01 8.96
N VAL A 80 -0.91 0.28 9.73
CA VAL A 80 -1.50 -0.75 10.55
C VAL A 80 -2.34 -1.68 9.69
N VAL A 81 -3.26 -1.15 8.90
CA VAL A 81 -4.09 -2.03 8.09
C VAL A 81 -3.24 -2.78 7.06
N THR A 82 -2.15 -2.17 6.64
CA THR A 82 -1.24 -2.83 5.73
C THR A 82 -0.65 -4.09 6.33
N LEU A 83 -0.40 -4.09 7.63
CA LEU A 83 0.06 -5.28 8.32
CA LEU A 83 0.03 -5.27 8.36
C LEU A 83 -0.91 -6.41 8.01
N TYR A 84 -2.20 -6.17 8.23
CA TYR A 84 -3.19 -7.23 8.17
C TYR A 84 -3.47 -7.59 6.75
N ARG A 85 -3.50 -6.59 5.91
CA ARG A 85 -3.69 -6.85 4.51
C ARG A 85 -2.60 -7.76 3.94
N ASP A 86 -1.34 -7.46 4.26
CA ASP A 86 -0.23 -8.29 3.76
C ASP A 86 -0.30 -9.67 4.37
N PHE A 87 -0.61 -9.72 5.67
CA PHE A 87 -0.72 -11.01 6.37
C PHE A 87 -1.71 -11.89 5.62
N GLU A 88 -2.85 -11.29 5.21
CA GLU A 88 -3.92 -12.07 4.58
C GLU A 88 -3.52 -12.48 3.18
N LYS A 89 -2.90 -11.56 2.45
CA LYS A 89 -2.53 -11.85 1.08
C LYS A 89 -1.46 -12.93 1.00
N ILE A 90 -0.44 -12.81 1.84
CA ILE A 90 0.62 -13.80 1.80
C ILE A 90 0.06 -15.17 2.24
N SER A 91 -0.74 -15.19 3.31
CA SER A 91 -1.33 -16.44 3.77
C SER A 91 -2.09 -17.15 2.63
N ALA A 92 -3.01 -16.42 1.98
CA ALA A 92 -3.84 -17.02 0.93
C ALA A 92 -2.98 -17.48 -0.21
N THR A 93 -2.00 -16.67 -0.56
CA THR A 93 -1.13 -17.00 -1.69
C THR A 93 -0.34 -18.27 -1.42
N LEU A 94 0.21 -18.39 -0.22
CA LEU A 94 0.99 -19.59 0.10
C LEU A 94 0.08 -20.83 0.16
N GLY A 95 -1.12 -20.67 0.68
CA GLY A 95 -2.08 -21.76 0.68
C GLY A 95 -2.40 -22.21 -0.73
N ASN A 96 -2.75 -21.26 -1.58
CA ASN A 96 -3.02 -21.59 -2.99
C ASN A 96 -1.81 -22.24 -3.69
N LEU A 97 -0.60 -21.74 -3.43
CA LEU A 97 0.58 -22.34 -4.07
C LEU A 97 0.80 -23.79 -3.59
N TYR A 98 0.55 -24.05 -2.32
CA TYR A 98 0.65 -25.40 -1.80
C TYR A 98 -0.34 -26.33 -2.48
N VAL A 99 -1.56 -25.88 -2.64
CA VAL A 99 -2.52 -26.71 -3.35
C VAL A 99 -2.07 -26.98 -4.79
N ALA A 100 -1.62 -25.94 -5.50
CA ALA A 100 -1.31 -26.06 -6.93
C ALA A 100 -0.06 -26.89 -7.19
N THR A 101 0.96 -26.80 -6.33
CA THR A 101 2.24 -27.44 -6.59
C THR A 101 2.56 -28.61 -5.68
N GLY A 102 1.94 -28.67 -4.51
CA GLY A 102 2.28 -29.73 -3.58
C GLY A 102 3.67 -29.58 -2.96
N LYS A 103 4.33 -28.45 -3.13
CA LYS A 103 5.70 -28.32 -2.61
C LYS A 103 5.67 -27.93 -1.16
N PRO A 104 6.34 -28.71 -0.30
CA PRO A 104 6.30 -28.45 1.15
C PRO A 104 6.91 -27.11 1.50
N VAL A 105 7.77 -26.56 0.64
CA VAL A 105 8.41 -25.31 0.99
C VAL A 105 7.36 -24.23 1.26
N TYR A 106 6.27 -24.21 0.48
CA TYR A 106 5.22 -23.22 0.71
C TYR A 106 4.53 -23.41 2.07
N ALA A 107 4.42 -24.67 2.50
CA ALA A 107 3.83 -24.93 3.80
C ALA A 107 4.75 -24.38 4.88
N THR A 108 6.05 -24.54 4.69
CA THR A 108 7.00 -24.10 5.71
C THR A 108 7.03 -22.58 5.78
N CYS A 109 7.01 -21.93 4.62
CA CYS A 109 6.92 -20.48 4.65
C CYS A 109 5.70 -20.01 5.44
N LEU A 110 4.55 -20.69 5.29
CA LEU A 110 3.33 -20.21 5.94
C LEU A 110 3.48 -20.41 7.43
N LEU A 111 3.94 -21.60 7.80
CA LEU A 111 4.13 -21.93 9.20
C LEU A 111 5.12 -20.95 9.89
N ASN A 112 6.21 -20.60 9.22
CA ASN A 112 7.13 -19.61 9.80
C ASN A 112 6.46 -18.29 10.10
N MET A 113 5.66 -17.79 9.17
CA MET A 113 4.98 -16.53 9.42
C MET A 113 3.97 -16.68 10.57
N LEU A 114 3.13 -17.70 10.50
CA LEU A 114 2.08 -17.88 11.53
C LEU A 114 2.70 -18.12 12.90
N ASP A 115 3.79 -18.86 12.95
CA ASP A 115 4.46 -19.13 14.24
C ASP A 115 4.91 -17.82 14.90
N LYS A 116 5.41 -16.90 14.09
CA LYS A 116 5.83 -15.57 14.55
C LYS A 116 4.63 -14.84 15.19
N TRP A 117 3.46 -14.88 14.55
CA TRP A 117 2.25 -14.32 15.12
C TRP A 117 1.79 -15.07 16.37
N ALA A 118 1.79 -16.41 16.34
CA ALA A 118 1.38 -17.17 17.50
C ALA A 118 2.27 -16.89 18.72
N LYS A 119 3.57 -16.77 18.50
CA LYS A 119 4.49 -16.53 19.62
C LYS A 119 4.21 -15.18 20.28
N ALA A 120 3.75 -14.21 19.50
CA ALA A 120 3.43 -12.91 20.05
C ALA A 120 2.04 -12.84 20.68
N ASP A 121 1.33 -13.96 20.73
CA ASP A 121 -0.08 -13.91 21.13
C ASP A 121 -0.91 -12.87 20.32
N ALA A 122 -0.67 -12.80 19.02
CA ALA A 122 -1.41 -11.88 18.15
C ALA A 122 -2.91 -12.23 18.13
N LEU A 123 -3.74 -11.24 17.79
CA LEU A 123 -5.19 -11.44 17.57
C LEU A 123 -5.93 -11.90 18.80
N LEU A 124 -5.40 -11.58 19.98
CA LEU A 124 -6.01 -11.99 21.25
C LEU A 124 -6.33 -10.87 22.23
N ASN A 125 -5.54 -9.81 22.21
CA ASN A 125 -5.73 -8.74 23.16
CA ASN A 125 -5.68 -8.70 23.17
C ASN A 125 -6.25 -7.49 22.47
N TYR A 126 -7.54 -7.26 22.63
CA TYR A 126 -8.15 -6.13 21.97
C TYR A 126 -9.49 -5.76 22.65
N ASP A 127 -9.98 -4.58 22.35
CA ASP A 127 -11.31 -4.17 22.78
C ASP A 127 -12.34 -4.73 21.79
N PRO A 128 -13.25 -5.60 22.28
CA PRO A 128 -14.26 -6.24 21.44
C PRO A 128 -15.25 -5.27 20.79
N LYS A 129 -15.37 -4.06 21.31
CA LYS A 129 -16.30 -3.10 20.68
C LYS A 129 -15.61 -2.29 19.61
N SER A 130 -14.34 -2.62 19.34
CA SER A 130 -13.55 -1.85 18.38
C SER A 130 -13.50 -2.57 17.04
N GLN A 131 -12.95 -1.90 16.05
CA GLN A 131 -12.74 -2.45 14.73
C GLN A 131 -11.87 -3.72 14.80
N SER A 132 -11.09 -3.84 15.86
CA SER A 132 -10.18 -4.98 16.01
C SER A 132 -10.95 -6.29 16.00
N TRP A 133 -12.15 -6.29 16.56
CA TRP A 133 -12.92 -7.51 16.66
C TRP A 133 -13.22 -8.11 15.27
N TYR A 134 -13.57 -7.26 14.30
CA TYR A 134 -13.82 -7.67 12.94
C TYR A 134 -12.51 -8.09 12.27
N GLN A 135 -11.43 -7.34 12.48
CA GLN A 135 -10.20 -7.65 11.83
C GLN A 135 -9.74 -9.07 12.22
N VAL A 136 -9.93 -9.45 13.47
CA VAL A 136 -9.53 -10.76 13.93
C VAL A 136 -10.29 -11.83 13.13
N GLU A 137 -11.58 -11.67 12.98
CA GLU A 137 -12.35 -12.74 12.33
C GLU A 137 -11.85 -12.93 10.90
N TRP A 138 -11.49 -11.85 10.21
CA TRP A 138 -11.04 -11.93 8.82
C TRP A 138 -9.66 -12.55 8.76
N SER A 139 -8.76 -12.11 9.60
CA SER A 139 -7.39 -12.59 9.51
C SER A 139 -7.23 -14.01 10.00
N ALA A 140 -7.91 -14.37 11.08
CA ALA A 140 -7.82 -15.70 11.63
C ALA A 140 -8.38 -16.68 10.59
N ALA A 141 -9.50 -16.33 9.95
CA ALA A 141 -10.09 -17.25 8.99
C ALA A 141 -9.16 -17.39 7.78
N THR A 142 -8.56 -16.30 7.33
CA THR A 142 -7.72 -16.35 6.14
C THR A 142 -6.52 -17.29 6.36
N ALA A 143 -5.88 -17.18 7.50
CA ALA A 143 -4.74 -18.04 7.83
C ALA A 143 -5.21 -19.49 7.99
N ALA A 144 -6.39 -19.70 8.59
CA ALA A 144 -6.87 -21.04 8.86
C ALA A 144 -7.23 -21.78 7.57
N PHE A 145 -7.88 -21.08 6.64
CA PHE A 145 -8.13 -21.67 5.33
C PHE A 145 -6.82 -22.13 4.72
N ALA A 146 -5.81 -21.27 4.72
CA ALA A 146 -4.58 -21.61 4.03
C ALA A 146 -3.93 -22.81 4.75
N LEU A 147 -3.87 -22.77 6.07
CA LEU A 147 -3.22 -23.86 6.84
C LEU A 147 -3.99 -25.19 6.67
N SER A 148 -5.29 -25.10 6.50
CA SER A 148 -6.12 -26.30 6.48
C SER A 148 -5.75 -27.19 5.29
N THR A 149 -5.25 -26.59 4.22
CA THR A 149 -4.83 -27.37 3.04
C THR A 149 -3.55 -28.17 3.30
N MET A 150 -2.85 -27.88 4.40
CA MET A 150 -1.55 -28.46 4.66
C MET A 150 -1.52 -29.28 5.91
N MET A 151 -2.69 -29.59 6.46
CA MET A 151 -2.74 -30.37 7.69
C MET A 151 -2.21 -31.80 7.54
N ALA A 152 -2.22 -32.33 6.32
CA ALA A 152 -1.78 -33.70 6.05
C ALA A 152 -0.32 -33.76 5.52
N GLU A 153 0.32 -32.61 5.33
CA GLU A 153 1.70 -32.58 4.83
C GLU A 153 2.66 -33.14 5.91
N PRO A 154 3.36 -34.25 5.60
CA PRO A 154 4.30 -34.83 6.60
C PRO A 154 5.61 -34.07 6.71
N ASN A 155 5.96 -33.34 5.66
CA ASN A 155 7.29 -32.78 5.63
C ASN A 155 7.40 -31.36 6.16
N VAL A 156 6.96 -31.14 7.39
CA VAL A 156 7.05 -29.82 7.98
C VAL A 156 7.45 -30.06 9.41
N ASP A 157 7.75 -28.99 10.13
CA ASP A 157 8.03 -29.06 11.53
C ASP A 157 6.68 -29.28 12.22
N THR A 158 6.46 -30.49 12.70
CA THR A 158 5.14 -30.84 13.20
C THR A 158 4.85 -30.17 14.52
N ALA A 159 5.88 -29.87 15.30
CA ALA A 159 5.66 -29.20 16.58
C ALA A 159 5.17 -27.77 16.30
N GLN A 160 5.79 -27.13 15.33
CA GLN A 160 5.43 -25.78 14.92
C GLN A 160 3.98 -25.75 14.43
N ARG A 161 3.58 -26.72 13.62
CA ARG A 161 2.20 -26.76 13.12
C ARG A 161 1.21 -26.86 14.29
N GLU A 162 1.50 -27.73 15.26
CA GLU A 162 0.66 -27.88 16.44
C GLU A 162 0.48 -26.59 17.21
N ARG A 163 1.58 -25.91 17.41
CA ARG A 163 1.66 -24.69 18.15
C ARG A 163 0.79 -23.64 17.42
N VAL A 164 0.91 -23.58 16.10
CA VAL A 164 0.11 -22.62 15.31
C VAL A 164 -1.37 -22.98 15.37
N VAL A 165 -1.68 -24.27 15.29
CA VAL A 165 -3.08 -24.71 15.34
C VAL A 165 -3.71 -24.33 16.67
N LYS A 166 -3.01 -24.63 17.76
CA LYS A 166 -3.54 -24.28 19.08
C LYS A 166 -3.74 -22.77 19.26
N TRP A 167 -2.86 -21.97 18.70
CA TRP A 167 -2.99 -20.52 18.79
C TRP A 167 -4.29 -20.10 18.05
N LEU A 168 -4.49 -20.62 16.85
CA LEU A 168 -5.71 -20.28 16.08
C LEU A 168 -6.97 -20.70 16.80
N ASN A 169 -6.95 -21.89 17.41
CA ASN A 169 -8.01 -22.32 18.29
C ASN A 169 -8.29 -21.30 19.42
N ARG A 170 -7.25 -20.85 20.12
CA ARG A 170 -7.46 -19.83 21.17
C ARG A 170 -8.05 -18.54 20.60
N VAL A 171 -7.50 -18.07 19.49
CA VAL A 171 -8.03 -16.87 18.82
C VAL A 171 -9.53 -16.95 18.53
N ALA A 172 -9.96 -18.07 17.94
CA ALA A 172 -11.38 -18.24 17.58
C ALA A 172 -12.28 -18.40 18.81
N ARG A 173 -11.84 -19.19 19.80
CA ARG A 173 -12.65 -19.34 21.01
C ARG A 173 -12.86 -17.96 21.65
N HIS A 174 -11.81 -17.16 21.69
CA HIS A 174 -11.92 -15.88 22.35
C HIS A 174 -12.84 -14.96 21.52
N GLN A 175 -12.55 -14.83 20.21
CA GLN A 175 -13.24 -13.91 19.26
C GLN A 175 -14.74 -14.20 19.19
N THR A 176 -15.08 -15.48 19.17
CA THR A 176 -16.49 -15.88 19.10
C THR A 176 -17.22 -15.86 20.43
N SER A 177 -16.49 -15.65 21.54
CA SER A 177 -17.12 -15.61 22.85
C SER A 177 -17.92 -14.32 23.10
N PHE A 178 -17.66 -13.28 22.32
CA PHE A 178 -18.40 -12.04 22.45
C PHE A 178 -19.68 -12.11 21.60
N PRO A 179 -20.85 -11.96 22.25
CA PRO A 179 -22.10 -12.30 21.55
C PRO A 179 -22.49 -11.31 20.43
N GLY A 180 -21.92 -10.12 20.43
CA GLY A 180 -22.28 -9.10 19.45
C GLY A 180 -23.49 -8.23 19.86
N GLY A 181 -23.79 -7.21 19.07
CA GLY A 181 -24.89 -6.29 19.35
C GLY A 181 -26.26 -6.75 18.89
N ASP A 182 -27.16 -5.81 18.65
CA ASP A 182 -28.50 -6.18 18.17
C ASP A 182 -28.48 -6.50 16.68
N THR A 183 -27.53 -5.93 15.96
CA THR A 183 -27.31 -6.32 14.58
C THR A 183 -26.18 -7.36 14.41
N SER A 184 -25.02 -7.09 15.02
CA SER A 184 -23.84 -7.91 14.77
C SER A 184 -23.93 -9.29 15.41
N CYS A 185 -24.92 -9.49 16.28
CA CYS A 185 -25.22 -10.82 16.78
C CYS A 185 -25.67 -11.74 15.65
N CYS A 186 -26.29 -11.17 14.61
CA CYS A 186 -27.24 -11.97 13.79
C CYS A 186 -27.16 -11.72 12.29
N ASN A 187 -26.42 -10.71 11.89
CA ASN A 187 -26.32 -10.31 10.51
C ASN A 187 -25.05 -10.91 9.90
N ASN A 188 -24.60 -10.39 8.77
CA ASN A 188 -23.43 -10.96 8.09
C ASN A 188 -22.21 -11.13 8.99
N ALA A 189 -22.00 -10.23 9.95
CA ALA A 189 -20.84 -10.33 10.84
C ALA A 189 -20.87 -11.66 11.58
N SER A 190 -22.06 -12.04 12.03
CA SER A 190 -22.30 -13.36 12.66
C SER A 190 -21.86 -14.50 11.74
N TYR A 191 -22.12 -14.35 10.44
CA TYR A 191 -21.77 -15.41 9.50
C TYR A 191 -20.26 -15.46 9.32
N TRP A 192 -19.60 -14.30 9.31
CA TRP A 192 -18.16 -14.26 9.22
C TRP A 192 -17.52 -14.95 10.43
N ARG A 193 -18.09 -14.76 11.61
CA ARG A 193 -17.61 -15.41 12.81
C ARG A 193 -17.88 -16.92 12.67
N GLY A 194 -18.98 -17.26 12.03
CA GLY A 194 -19.32 -18.65 11.77
C GLY A 194 -18.29 -19.33 10.87
N GLN A 195 -17.85 -18.67 9.80
CA GLN A 195 -16.84 -19.33 8.93
C GLN A 195 -15.51 -19.49 9.65
N GLU A 196 -15.16 -18.50 10.48
CA GLU A 196 -13.94 -18.59 11.32
C GLU A 196 -14.00 -19.79 12.24
N ALA A 197 -15.11 -19.91 12.97
CA ALA A 197 -15.28 -21.01 13.92
C ALA A 197 -15.27 -22.35 13.22
N THR A 198 -15.93 -22.40 12.07
CA THR A 198 -16.09 -23.67 11.35
C THR A 198 -14.72 -24.20 10.87
N ILE A 199 -13.93 -23.35 10.20
CA ILE A 199 -12.69 -23.87 9.62
C ILE A 199 -11.68 -24.11 10.73
N ILE A 200 -11.62 -23.23 11.73
CA ILE A 200 -10.68 -23.46 12.86
C ILE A 200 -11.11 -24.65 13.69
N GLY A 201 -12.42 -24.81 13.88
CA GLY A 201 -12.96 -25.99 14.53
C GLY A 201 -12.47 -27.27 13.85
N VAL A 202 -12.55 -27.32 12.53
CA VAL A 202 -12.05 -28.48 11.80
C VAL A 202 -10.53 -28.75 12.02
N ILE A 203 -9.67 -27.74 11.86
CA ILE A 203 -8.25 -28.05 11.83
C ILE A 203 -7.74 -28.36 13.24
N SER A 204 -8.43 -27.88 14.27
CA SER A 204 -7.98 -28.13 15.63
C SER A 204 -8.84 -29.22 16.26
N LYS A 205 -9.67 -29.86 15.47
CA LYS A 205 -10.53 -30.91 15.96
C LYS A 205 -11.32 -30.50 17.20
N ASP A 206 -11.96 -29.34 17.15
CA ASP A 206 -12.67 -28.84 18.30
C ASP A 206 -14.15 -28.87 17.94
N ASP A 207 -14.87 -29.89 18.43
CA ASP A 207 -16.24 -30.12 18.00
C ASP A 207 -17.13 -28.97 18.45
N GLU A 208 -16.87 -28.43 19.63
CA GLU A 208 -17.74 -27.36 20.09
CA GLU A 208 -17.67 -27.32 20.17
C GLU A 208 -17.64 -26.12 19.22
N LEU A 209 -16.44 -25.79 18.75
CA LEU A 209 -16.27 -24.65 17.86
C LEU A 209 -16.94 -24.93 16.52
N PHE A 210 -16.72 -26.15 16.03
CA PHE A 210 -17.30 -26.58 14.75
C PHE A 210 -18.81 -26.41 14.82
N ARG A 211 -19.44 -26.95 15.88
CA ARG A 211 -20.91 -26.87 16.05
C ARG A 211 -21.37 -25.43 16.10
N TRP A 212 -20.61 -24.61 16.79
CA TRP A 212 -20.98 -23.21 16.92
C TRP A 212 -21.01 -22.54 15.53
N GLY A 213 -20.02 -22.82 14.71
CA GLY A 213 -19.98 -22.27 13.36
C GLY A 213 -21.16 -22.71 12.50
N LEU A 214 -21.48 -23.99 12.56
CA LEU A 214 -22.64 -24.53 11.82
C LEU A 214 -23.92 -23.82 12.27
N GLY A 215 -24.01 -23.55 13.56
CA GLY A 215 -25.16 -22.86 14.10
C GLY A 215 -25.36 -21.49 13.49
N ARG A 216 -24.29 -20.84 13.02
CA ARG A 216 -24.46 -19.50 12.44
C ARG A 216 -25.14 -19.63 11.07
N TYR A 217 -24.85 -20.71 10.38
CA TYR A 217 -25.48 -20.94 9.10
C TYR A 217 -26.98 -21.16 9.30
N VAL A 218 -27.34 -21.99 10.27
CA VAL A 218 -28.73 -22.29 10.61
C VAL A 218 -29.44 -20.99 11.02
N GLN A 219 -28.78 -20.18 11.84
CA GLN A 219 -29.32 -18.89 12.20
C GLN A 219 -29.62 -18.07 10.95
N ALA A 220 -28.68 -18.06 10.00
CA ALA A 220 -28.84 -17.29 8.76
C ALA A 220 -30.10 -17.70 7.96
N MET A 221 -30.33 -19.01 7.87
CA MET A 221 -31.45 -19.54 7.08
C MET A 221 -32.78 -19.09 7.67
N GLY A 222 -32.81 -18.85 8.98
CA GLY A 222 -34.03 -18.37 9.62
C GLY A 222 -34.26 -16.90 9.42
N LEU A 223 -33.36 -16.23 8.73
CA LEU A 223 -33.44 -14.77 8.58
C LEU A 223 -33.52 -14.38 7.12
N ILE A 224 -34.06 -15.29 6.31
CA ILE A 224 -34.20 -15.06 4.90
C ILE A 224 -35.67 -14.78 4.61
N ASN A 225 -35.94 -13.69 3.92
CA ASN A 225 -37.30 -13.37 3.47
C ASN A 225 -37.79 -14.31 2.39
N GLU A 226 -39.08 -14.22 2.09
CA GLU A 226 -39.69 -15.07 1.08
C GLU A 226 -39.00 -14.88 -0.30
N ASP A 227 -38.53 -13.67 -0.58
CA ASP A 227 -37.92 -13.39 -1.90
C ASP A 227 -36.44 -13.77 -1.94
N GLY A 228 -35.89 -14.28 -0.85
CA GLY A 228 -34.47 -14.59 -0.80
C GLY A 228 -33.60 -13.53 -0.13
N SER A 229 -34.17 -12.38 0.22
CA SER A 229 -33.33 -11.31 0.80
C SER A 229 -33.07 -11.58 2.28
N PHE A 230 -31.88 -11.23 2.76
CA PHE A 230 -31.60 -11.41 4.21
C PHE A 230 -32.19 -10.24 4.98
N VAL A 231 -32.91 -10.54 6.05
CA VAL A 231 -33.61 -9.53 6.82
C VAL A 231 -32.69 -8.41 7.25
N HIS A 232 -31.53 -8.73 7.81
CA HIS A 232 -30.69 -7.67 8.38
C HIS A 232 -29.96 -6.87 7.32
N GLU A 233 -29.69 -7.48 6.18
CA GLU A 233 -28.93 -6.77 5.13
C GLU A 233 -29.83 -5.77 4.37
N MET A 234 -31.13 -6.01 4.36
CA MET A 234 -32.06 -5.11 3.71
C MET A 234 -32.30 -3.80 4.50
N THR A 235 -31.66 -3.66 5.66
CA THR A 235 -31.70 -2.40 6.41
C THR A 235 -30.49 -1.48 6.16
N ARG A 236 -29.70 -1.74 5.12
CA ARG A 236 -28.44 -1.00 4.95
C ARG A 236 -28.55 0.07 3.90
N HIS A 237 -29.78 0.54 3.67
CA HIS A 237 -30.00 1.61 2.69
C HIS A 237 -29.31 1.36 1.36
N GLU A 238 -28.38 2.25 0.99
CA GLU A 238 -27.78 2.18 -0.32
C GLU A 238 -26.77 1.04 -0.46
N GLN A 239 -26.47 0.37 0.66
CA GLN A 239 -25.54 -0.75 0.71
C GLN A 239 -26.26 -2.09 0.90
N SER A 240 -27.57 -2.10 0.74
CA SER A 240 -28.36 -3.26 1.06
C SER A 240 -28.00 -4.42 0.14
N LEU A 241 -27.94 -4.13 -1.13
CA LEU A 241 -27.63 -5.13 -2.13
C LEU A 241 -26.20 -5.62 -1.95
N HIS A 242 -25.30 -4.68 -1.67
CA HIS A 242 -23.90 -4.99 -1.42
C HIS A 242 -23.73 -5.96 -0.24
N TYR A 243 -24.46 -5.73 0.83
CA TYR A 243 -24.41 -6.61 1.99
C TYR A 243 -25.16 -7.94 1.84
N GLN A 244 -26.17 -7.97 1.00
CA GLN A 244 -26.81 -9.23 0.61
C GLN A 244 -25.74 -10.12 0.00
N ASN A 245 -24.97 -9.56 -0.91
CA ASN A 245 -23.92 -10.33 -1.53
C ASN A 245 -22.80 -10.67 -0.54
N TYR A 246 -22.43 -9.71 0.32
CA TYR A 246 -21.37 -9.90 1.29
C TYR A 246 -21.65 -11.08 2.20
N ALA A 247 -22.89 -11.22 2.64
CA ALA A 247 -23.26 -12.34 3.48
C ALA A 247 -23.06 -13.71 2.80
N MET A 248 -23.19 -13.76 1.47
CA MET A 248 -23.02 -15.02 0.73
C MET A 248 -21.60 -15.60 0.88
N LEU A 249 -20.63 -14.74 1.15
CA LEU A 249 -19.24 -15.20 1.16
C LEU A 249 -18.98 -16.17 2.32
N PRO A 250 -19.23 -15.74 3.58
CA PRO A 250 -18.91 -16.74 4.62
C PRO A 250 -19.92 -17.88 4.67
N LEU A 251 -21.18 -17.66 4.28
CA LEU A 251 -22.18 -18.75 4.35
C LEU A 251 -21.71 -19.86 3.41
N THR A 252 -21.19 -19.44 2.26
CA THR A 252 -20.70 -20.40 1.27
C THR A 252 -19.52 -21.19 1.84
N MET A 253 -18.58 -20.50 2.47
CA MET A 253 -17.42 -21.20 3.05
C MET A 253 -17.84 -22.16 4.18
N ILE A 254 -18.81 -21.76 5.00
CA ILE A 254 -19.28 -22.65 6.01
C ILE A 254 -19.78 -23.93 5.33
N ALA A 255 -20.60 -23.76 4.29
CA ALA A 255 -21.21 -24.89 3.60
C ALA A 255 -20.13 -25.75 2.94
N GLU A 256 -19.15 -25.13 2.27
CA GLU A 256 -18.08 -25.91 1.62
C GLU A 256 -17.26 -26.71 2.64
N THR A 257 -16.94 -26.07 3.77
CA THR A 257 -16.15 -26.70 4.81
C THR A 257 -16.91 -27.87 5.41
N ALA A 258 -18.18 -27.65 5.73
CA ALA A 258 -19.00 -28.66 6.39
C ALA A 258 -19.21 -29.88 5.48
N SER A 259 -19.33 -29.64 4.18
CA SER A 259 -19.54 -30.72 3.25
C SER A 259 -18.38 -31.73 3.29
N ARG A 260 -17.16 -31.33 3.63
CA ARG A 260 -16.10 -32.32 3.65
C ARG A 260 -16.12 -33.06 4.99
N GLN A 261 -16.96 -32.63 5.92
CA GLN A 261 -17.15 -33.39 7.14
C GLN A 261 -18.44 -34.23 7.01
N GLY A 262 -18.95 -34.33 5.79
CA GLY A 262 -20.12 -35.16 5.55
C GLY A 262 -21.46 -34.51 5.93
N ILE A 263 -21.51 -33.20 5.95
CA ILE A 263 -22.74 -32.50 6.32
C ILE A 263 -23.13 -31.64 5.15
N ASP A 264 -24.40 -31.67 4.77
CA ASP A 264 -24.81 -30.98 3.55
C ASP A 264 -25.64 -29.78 3.94
N LEU A 265 -24.97 -28.69 4.28
CA LEU A 265 -25.68 -27.50 4.70
C LEU A 265 -26.46 -26.85 3.56
N TYR A 266 -26.06 -27.11 2.32
CA TYR A 266 -26.84 -26.55 1.23
C TYR A 266 -28.29 -27.04 1.26
N ALA A 267 -28.48 -28.28 1.70
CA ALA A 267 -29.82 -28.89 1.78
C ALA A 267 -30.60 -28.42 3.00
N TYR A 268 -29.99 -27.62 3.85
CA TYR A 268 -30.67 -27.20 5.04
C TYR A 268 -31.60 -26.00 4.74
N LYS A 269 -32.88 -26.16 5.07
CA LYS A 269 -33.83 -25.05 4.95
C LYS A 269 -34.72 -24.85 6.19
N GLU A 270 -35.25 -23.63 6.32
CA GLU A 270 -36.26 -23.26 7.28
C GLU A 270 -37.41 -22.58 6.57
N ASN A 271 -38.64 -22.99 6.84
CA ASN A 271 -39.80 -22.45 6.10
C ASN A 271 -39.61 -22.52 4.60
N GLY A 272 -39.01 -23.60 4.11
CA GLY A 272 -38.80 -23.76 2.68
C GLY A 272 -37.85 -22.75 2.05
N ARG A 273 -37.17 -21.97 2.87
CA ARG A 273 -36.14 -21.04 2.36
C ARG A 273 -34.72 -21.55 2.63
N ASP A 274 -33.82 -21.32 1.67
CA ASP A 274 -32.47 -21.85 1.76
C ASP A 274 -31.53 -20.91 1.05
N ILE A 275 -30.26 -21.29 0.98
CA ILE A 275 -29.26 -20.40 0.44
C ILE A 275 -29.44 -20.20 -1.03
N HIS A 276 -30.11 -21.13 -1.67
CA HIS A 276 -30.35 -21.00 -3.10
C HIS A 276 -31.28 -19.79 -3.39
N SER A 277 -32.27 -19.60 -2.53
CA SER A 277 -33.17 -18.45 -2.59
C SER A 277 -32.35 -17.18 -2.51
N ALA A 278 -31.39 -17.16 -1.59
CA ALA A 278 -30.57 -15.96 -1.44
C ALA A 278 -29.74 -15.70 -2.70
N ARG A 279 -29.19 -16.76 -3.29
CA ARG A 279 -28.38 -16.60 -4.49
C ARG A 279 -29.24 -16.00 -5.64
N LYS A 280 -30.46 -16.51 -5.79
CA LYS A 280 -31.36 -16.08 -6.85
C LYS A 280 -31.72 -14.62 -6.65
N PHE A 281 -31.96 -14.23 -5.40
CA PHE A 281 -32.26 -12.83 -5.13
C PHE A 281 -31.13 -11.93 -5.59
N VAL A 282 -29.89 -12.30 -5.27
CA VAL A 282 -28.75 -11.47 -5.68
C VAL A 282 -28.69 -11.27 -7.20
N PHE A 283 -28.80 -12.35 -7.95
CA PHE A 283 -28.72 -12.32 -9.40
C PHE A 283 -29.88 -11.50 -9.95
N ALA A 284 -31.05 -11.76 -9.42
CA ALA A 284 -32.26 -11.06 -9.87
C ALA A 284 -32.13 -9.58 -9.59
N ALA A 285 -31.73 -9.24 -8.38
CA ALA A 285 -31.70 -7.83 -7.97
C ALA A 285 -30.61 -7.08 -8.68
N VAL A 286 -29.52 -7.75 -9.06
CA VAL A 286 -28.47 -7.06 -9.80
C VAL A 286 -29.01 -6.63 -11.18
N LYS A 287 -29.73 -7.51 -11.85
CA LYS A 287 -30.28 -7.16 -13.16
C LYS A 287 -31.65 -6.50 -13.10
N ASN A 288 -32.08 -6.11 -11.90
CA ASN A 288 -33.33 -5.40 -11.75
C ASN A 288 -33.45 -4.80 -10.36
N PRO A 289 -32.72 -3.72 -10.12
CA PRO A 289 -32.61 -3.19 -8.75
C PRO A 289 -33.93 -2.59 -8.24
N ASP A 290 -34.96 -2.62 -9.06
CA ASP A 290 -36.29 -2.31 -8.56
C ASP A 290 -36.73 -3.30 -7.49
N LEU A 291 -36.21 -4.52 -7.54
CA LEU A 291 -36.50 -5.50 -6.50
C LEU A 291 -36.16 -4.95 -5.12
N ILE A 292 -35.11 -4.15 -5.05
CA ILE A 292 -34.61 -3.69 -3.76
C ILE A 292 -35.52 -2.63 -3.17
N LYS A 293 -36.28 -1.97 -4.04
CA LYS A 293 -37.02 -0.76 -3.67
C LYS A 293 -38.05 -1.10 -2.62
N LYS A 294 -38.46 -2.35 -2.62
CA LYS A 294 -39.34 -2.87 -1.59
C LYS A 294 -38.77 -2.66 -0.17
N TYR A 295 -37.46 -2.48 -0.07
CA TYR A 295 -36.77 -2.44 1.21
C TYR A 295 -36.03 -1.12 1.43
N ALA A 296 -35.52 -0.55 0.35
CA ALA A 296 -34.68 0.63 0.41
C ALA A 296 -34.88 1.51 -0.83
N SER A 297 -35.00 2.82 -0.59
CA SER A 297 -35.34 3.77 -1.64
C SER A 297 -34.09 4.26 -2.37
N GLU A 298 -32.96 4.25 -1.67
CA GLU A 298 -31.71 4.74 -2.23
C GLU A 298 -31.25 3.91 -3.41
N PRO A 299 -30.66 4.56 -4.41
CA PRO A 299 -30.06 3.83 -5.52
C PRO A 299 -28.94 2.97 -4.94
N GLN A 300 -28.79 1.75 -5.42
CA GLN A 300 -27.83 0.86 -4.79
C GLN A 300 -26.38 1.06 -5.27
N ASP A 301 -25.45 1.09 -4.31
CA ASP A 301 -24.04 0.99 -4.63
C ASP A 301 -23.75 -0.44 -5.19
N THR A 302 -23.26 -0.52 -6.43
CA THR A 302 -22.95 -1.79 -7.07
C THR A 302 -21.46 -2.03 -7.38
N ARG A 303 -20.57 -1.32 -6.69
CA ARG A 303 -19.15 -1.49 -6.94
C ARG A 303 -18.72 -2.96 -6.81
N ALA A 304 -19.43 -3.74 -6.00
CA ALA A 304 -19.01 -5.14 -5.80
C ALA A 304 -19.23 -5.98 -7.05
N PHE A 305 -20.13 -5.53 -7.93
CA PHE A 305 -20.53 -6.40 -9.01
C PHE A 305 -19.79 -6.10 -10.30
N LYS A 306 -18.50 -6.41 -10.32
CA LYS A 306 -17.68 -6.26 -11.50
C LYS A 306 -16.76 -7.44 -11.57
N PRO A 307 -16.40 -7.85 -12.78
CA PRO A 307 -15.45 -8.95 -12.99
C PRO A 307 -14.16 -8.73 -12.17
N GLY A 308 -13.65 -9.80 -11.57
CA GLY A 308 -12.41 -9.71 -10.81
C GLY A 308 -12.56 -9.29 -9.35
N ARG A 309 -13.73 -8.80 -8.97
CA ARG A 309 -13.97 -8.42 -7.58
C ARG A 309 -14.00 -9.64 -6.64
N GLY A 310 -13.25 -9.58 -5.56
CA GLY A 310 -13.17 -10.69 -4.62
C GLY A 310 -14.52 -11.02 -3.99
N ASP A 311 -15.36 -10.01 -3.85
CA ASP A 311 -16.73 -10.17 -3.39
C ASP A 311 -17.51 -11.27 -4.13
N LEU A 312 -17.04 -11.64 -5.32
CA LEU A 312 -17.74 -12.66 -6.12
C LEU A 312 -17.19 -14.08 -5.95
N ASN A 313 -16.19 -14.23 -5.08
CA ASN A 313 -15.52 -15.53 -4.91
C ASN A 313 -16.52 -16.67 -4.62
N TRP A 314 -17.57 -16.39 -3.86
CA TRP A 314 -18.51 -17.44 -3.48
C TRP A 314 -19.19 -18.09 -4.69
N ILE A 315 -19.34 -17.35 -5.78
CA ILE A 315 -19.99 -17.88 -6.96
C ILE A 315 -19.17 -19.01 -7.55
N GLU A 316 -17.84 -18.88 -7.51
CA GLU A 316 -17.01 -19.96 -8.05
C GLU A 316 -17.28 -21.27 -7.31
N TYR A 317 -17.40 -21.23 -5.98
CA TYR A 317 -17.64 -22.45 -5.24
C TYR A 317 -19.02 -23.04 -5.53
N GLN A 318 -20.02 -22.18 -5.51
CA GLN A 318 -21.39 -22.63 -5.68
C GLN A 318 -21.61 -23.12 -7.10
N ARG A 319 -21.05 -22.41 -8.06
CA ARG A 319 -21.25 -22.81 -9.43
C ARG A 319 -20.60 -24.17 -9.69
N ALA A 320 -19.43 -24.38 -9.09
CA ALA A 320 -18.71 -25.63 -9.33
C ALA A 320 -19.59 -26.74 -8.79
N ARG A 321 -20.28 -26.49 -7.70
CA ARG A 321 -21.12 -27.51 -7.08
C ARG A 321 -22.47 -27.74 -7.78
N PHE A 322 -23.12 -26.69 -8.25
CA PHE A 322 -24.51 -26.80 -8.66
C PHE A 322 -24.71 -26.54 -10.16
N GLY A 323 -23.70 -25.98 -10.81
CA GLY A 323 -23.69 -25.89 -12.24
C GLY A 323 -24.70 -24.92 -12.83
N PHE A 324 -25.19 -23.99 -12.02
CA PHE A 324 -26.09 -22.96 -12.56
C PHE A 324 -25.35 -22.05 -13.50
N ALA A 325 -26.09 -21.21 -14.19
CA ALA A 325 -25.52 -20.37 -15.25
C ALA A 325 -24.92 -19.10 -14.66
N ASP A 326 -23.85 -18.57 -15.27
CA ASP A 326 -23.34 -17.23 -14.94
C ASP A 326 -24.24 -16.17 -15.53
N GLU A 327 -25.42 -15.96 -14.94
CA GLU A 327 -26.45 -15.09 -15.57
C GLU A 327 -26.00 -13.67 -15.70
N LEU A 328 -25.17 -13.21 -14.77
CA LEU A 328 -24.63 -11.86 -14.84
C LEU A 328 -23.42 -11.67 -15.75
N GLY A 329 -22.80 -12.74 -16.22
CA GLY A 329 -21.62 -12.56 -17.07
C GLY A 329 -20.42 -12.00 -16.32
N PHE A 330 -20.34 -12.29 -15.03
CA PHE A 330 -19.27 -11.79 -14.18
C PHE A 330 -18.01 -12.64 -14.17
N MET A 331 -18.16 -13.90 -14.53
CA MET A 331 -17.12 -14.90 -14.29
C MET A 331 -16.15 -14.97 -15.46
N THR A 332 -15.52 -13.85 -15.77
CA THR A 332 -14.63 -13.80 -16.89
C THR A 332 -13.20 -13.95 -16.40
N VAL A 333 -12.68 -12.91 -15.74
CA VAL A 333 -11.33 -13.02 -15.18
C VAL A 333 -11.35 -13.86 -13.88
N PRO A 334 -10.19 -14.39 -13.47
CA PRO A 334 -10.14 -15.13 -12.20
C PRO A 334 -10.53 -14.25 -10.99
N ILE A 335 -10.97 -14.87 -9.92
CA ILE A 335 -11.34 -14.14 -8.70
C ILE A 335 -10.37 -14.57 -7.60
N PHE A 336 -9.86 -13.63 -6.83
CA PHE A 336 -9.00 -13.96 -5.68
C PHE A 336 -9.52 -13.22 -4.46
N ASP A 337 -9.81 -13.95 -3.39
CA ASP A 337 -10.20 -13.30 -2.15
C ASP A 337 -9.60 -14.04 -0.98
N PRO A 338 -8.55 -13.48 -0.36
CA PRO A 338 -7.90 -14.23 0.73
C PRO A 338 -8.87 -14.68 1.81
N ARG A 339 -9.86 -13.85 2.15
CA ARG A 339 -10.77 -14.15 3.26
C ARG A 339 -11.73 -15.30 3.00
N THR A 340 -11.84 -15.71 1.75
CA THR A 340 -12.62 -16.89 1.43
C THR A 340 -11.77 -17.92 0.70
N GLY A 341 -10.53 -18.09 1.17
CA GLY A 341 -9.71 -19.21 0.76
C GLY A 341 -8.84 -18.93 -0.45
N GLY A 342 -8.71 -17.67 -0.85
CA GLY A 342 -7.82 -17.35 -1.96
C GLY A 342 -8.60 -17.36 -3.27
N SER A 343 -8.06 -18.04 -4.27
CA SER A 343 -8.67 -18.00 -5.59
C SER A 343 -9.75 -19.07 -5.75
N GLY A 344 -11.02 -18.70 -5.69
CA GLY A 344 -12.05 -19.69 -6.00
C GLY A 344 -11.90 -20.26 -7.42
N THR A 345 -11.37 -19.47 -8.34
CA THR A 345 -11.16 -19.94 -9.71
C THR A 345 -10.16 -21.10 -9.72
N LEU A 346 -9.00 -20.88 -9.12
CA LEU A 346 -7.97 -21.93 -9.00
C LEU A 346 -8.50 -23.18 -8.31
N LEU A 347 -9.30 -22.99 -7.27
CA LEU A 347 -9.63 -24.10 -6.39
C LEU A 347 -10.87 -24.88 -6.80
N ALA A 348 -11.81 -24.27 -7.51
CA ALA A 348 -13.12 -24.89 -7.72
C ALA A 348 -13.57 -24.87 -9.18
N TYR A 349 -13.19 -23.83 -9.92
CA TYR A 349 -13.72 -23.67 -11.28
C TYR A 349 -13.39 -24.86 -12.19
N LYS A 350 -14.40 -25.33 -12.91
CA LYS A 350 -14.22 -26.40 -13.90
C LYS A 350 -14.68 -25.91 -15.26
N PRO A 351 -13.77 -25.89 -16.21
CA PRO A 351 -14.09 -25.46 -17.58
C PRO A 351 -15.23 -26.30 -18.13
N GLN A 352 -16.16 -25.64 -18.81
CA GLN A 352 -17.32 -26.34 -19.38
C GLN A 352 -17.03 -26.79 -20.79
N GLY A 353 -17.56 -27.97 -21.17
CA GLY A 353 -17.40 -28.52 -22.51
C GLY A 353 -18.11 -27.71 -23.59
N GLY B 1 28.89 20.41 -24.67
CA GLY B 1 30.09 21.23 -24.55
C GLY B 1 30.23 22.01 -23.24
N SER B 2 30.50 21.29 -22.15
CA SER B 2 30.77 19.85 -22.21
C SER B 2 29.51 18.96 -22.27
N HIS B 3 28.35 19.57 -22.10
CA HIS B 3 27.10 18.85 -22.29
C HIS B 3 26.11 19.64 -23.19
N PRO B 4 25.08 18.96 -23.69
CA PRO B 4 24.09 19.55 -24.62
C PRO B 4 23.27 20.71 -24.07
N PHE B 5 23.22 20.85 -22.76
CA PHE B 5 22.40 21.92 -22.21
C PHE B 5 23.24 23.02 -21.59
N ASP B 6 24.48 23.11 -22.03
CA ASP B 6 25.42 24.03 -21.44
C ASP B 6 25.14 25.49 -21.86
N GLN B 7 24.16 25.69 -22.73
CA GLN B 7 23.78 27.04 -23.09
C GLN B 7 22.45 27.46 -22.45
N ALA B 8 21.81 26.50 -21.80
CA ALA B 8 20.44 26.74 -21.33
C ALA B 8 20.38 27.92 -20.35
N VAL B 9 19.26 28.67 -20.37
CA VAL B 9 19.07 29.76 -19.42
C VAL B 9 17.74 29.65 -18.64
N VAL B 10 17.72 30.26 -17.46
CA VAL B 10 16.47 30.32 -16.69
C VAL B 10 15.60 31.40 -17.33
N LYS B 11 14.50 30.97 -17.96
CA LYS B 11 13.60 31.90 -18.64
C LYS B 11 12.73 32.61 -17.62
N ASP B 12 12.29 31.88 -16.60
CA ASP B 12 11.31 32.44 -15.68
C ASP B 12 11.50 31.88 -14.26
N PRO B 13 12.06 32.69 -13.38
CA PRO B 13 12.38 32.22 -12.02
C PRO B 13 11.10 31.99 -11.18
N THR B 14 9.94 32.34 -11.72
CA THR B 14 8.70 32.09 -11.00
C THR B 14 7.99 30.82 -11.48
N ALA B 15 8.53 30.13 -12.48
CA ALA B 15 7.82 29.02 -13.09
C ALA B 15 7.67 27.77 -12.20
N SER B 16 8.50 27.64 -11.18
CA SER B 16 8.36 26.55 -10.22
C SER B 16 8.50 25.17 -10.86
N TYR B 17 8.00 24.13 -10.20
CA TYR B 17 8.14 22.80 -10.77
C TYR B 17 6.76 22.22 -11.17
N VAL B 18 5.72 23.04 -11.08
CA VAL B 18 4.38 22.69 -11.54
C VAL B 18 3.78 24.02 -11.94
N ASP B 19 2.72 23.97 -12.71
CA ASP B 19 1.99 25.20 -13.00
C ASP B 19 1.09 25.52 -11.83
N VAL B 20 1.53 26.43 -10.98
CA VAL B 20 0.87 26.68 -9.69
C VAL B 20 -0.56 27.18 -9.90
N LYS B 21 -0.72 28.22 -10.70
CA LYS B 21 -2.04 28.78 -10.96
C LYS B 21 -3.04 27.79 -11.54
N ALA B 22 -2.64 27.06 -12.58
CA ALA B 22 -3.48 26.05 -13.20
C ALA B 22 -3.80 24.90 -12.23
N ARG B 23 -2.83 24.47 -11.44
CA ARG B 23 -3.13 23.37 -10.53
C ARG B 23 -4.12 23.80 -9.44
N ARG B 24 -3.98 25.04 -8.97
CA ARG B 24 -4.85 25.58 -7.94
C ARG B 24 -6.27 25.64 -8.46
N THR B 25 -6.40 26.21 -9.66
CA THR B 25 -7.70 26.30 -10.30
C THR B 25 -8.33 24.91 -10.39
N PHE B 26 -7.58 23.94 -10.89
CA PHE B 26 -8.10 22.59 -10.97
C PHE B 26 -8.58 22.08 -9.61
N LEU B 27 -7.80 22.32 -8.58
CA LEU B 27 -8.14 21.78 -7.28
C LEU B 27 -9.46 22.34 -6.77
N GLN B 28 -9.75 23.60 -7.11
CA GLN B 28 -10.97 24.27 -6.64
C GLN B 28 -12.19 24.09 -7.53
N SER B 29 -11.97 24.22 -8.82
CA SER B 29 -13.09 24.20 -9.71
C SER B 29 -13.34 22.72 -9.94
N GLY B 30 -12.25 21.98 -9.94
CA GLY B 30 -12.29 20.58 -10.26
C GLY B 30 -13.27 19.70 -9.50
N GLN B 31 -13.50 18.58 -10.18
CA GLN B 31 -14.19 17.42 -9.67
C GLN B 31 -13.09 16.46 -9.23
N LEU B 32 -13.10 16.16 -7.95
CA LEU B 32 -12.04 15.40 -7.32
C LEU B 32 -12.49 14.00 -6.96
N ASP B 33 -11.59 13.04 -7.05
CA ASP B 33 -11.92 11.71 -6.58
C ASP B 33 -11.47 11.58 -5.14
N ASP B 34 -11.65 10.41 -4.54
CA ASP B 34 -11.45 10.27 -3.10
C ASP B 34 -9.98 10.45 -2.76
N ARG B 35 -9.14 9.93 -3.64
CA ARG B 35 -7.69 9.95 -3.47
C ARG B 35 -7.20 11.40 -3.42
N LEU B 36 -7.61 12.18 -4.39
CA LEU B 36 -7.23 13.57 -4.44
C LEU B 36 -7.79 14.34 -3.23
N LYS B 37 -9.04 14.06 -2.86
CA LYS B 37 -9.64 14.71 -1.69
C LYS B 37 -8.86 14.37 -0.42
N ALA B 38 -8.34 13.15 -0.36
CA ALA B 38 -7.57 12.73 0.78
C ALA B 38 -6.23 13.44 0.85
N ALA B 39 -5.80 14.00 -0.28
CA ALA B 39 -4.50 14.69 -0.36
C ALA B 39 -4.56 16.18 -0.02
N LEU B 40 -5.75 16.77 0.06
CA LEU B 40 -5.84 18.20 0.34
C LEU B 40 -5.25 18.46 1.71
N PRO B 41 -4.32 19.41 1.81
CA PRO B 41 -3.68 19.62 3.12
C PRO B 41 -4.61 20.35 4.09
N LYS B 42 -4.37 20.20 5.38
CA LYS B 42 -5.25 20.82 6.37
C LYS B 42 -4.77 22.22 6.72
N GLU B 43 -5.64 23.22 6.57
CA GLU B 43 -5.26 24.58 6.93
C GLU B 43 -5.07 24.67 8.44
N TYR B 44 -4.27 25.63 8.87
CA TYR B 44 -3.96 25.82 10.28
C TYR B 44 -3.32 27.19 10.40
N ASP B 45 -3.19 27.67 11.62
CA ASP B 45 -2.63 29.00 11.84
C ASP B 45 -1.14 28.84 11.96
N CYS B 46 -0.43 28.93 10.84
CA CYS B 46 1.00 28.75 10.84
C CYS B 46 1.68 29.91 11.55
N THR B 47 0.98 31.04 11.72
CA THR B 47 1.66 32.21 12.36
C THR B 47 2.01 31.97 13.85
N THR B 48 1.40 30.96 14.48
CA THR B 48 1.70 30.69 15.87
C THR B 48 2.52 29.40 16.07
N GLU B 49 2.87 28.73 14.99
CA GLU B 49 3.57 27.44 15.05
C GLU B 49 5.02 27.68 15.45
N ALA B 50 5.58 26.86 16.35
CA ALA B 50 7.01 26.99 16.65
C ALA B 50 7.81 26.22 15.60
N THR B 51 8.65 26.93 14.88
CA THR B 51 9.45 26.25 13.88
C THR B 51 10.86 26.03 14.40
N PRO B 52 11.59 25.06 13.84
CA PRO B 52 12.94 24.77 14.38
C PRO B 52 13.88 25.92 14.22
N ASN B 53 14.81 26.07 15.16
CA ASN B 53 15.87 27.05 15.07
C ASN B 53 17.08 26.37 14.48
N PRO B 54 17.89 27.12 13.73
CA PRO B 54 19.02 26.46 13.04
C PRO B 54 20.12 26.12 14.03
N GLN B 55 20.97 25.14 13.72
CA GLN B 55 22.21 24.94 14.46
C GLN B 55 23.13 26.14 14.26
N GLN B 56 23.73 26.59 15.35
CA GLN B 56 24.69 27.67 15.33
C GLN B 56 26.10 27.10 15.11
N GLY B 57 26.94 27.87 14.43
CA GLY B 57 28.30 27.42 14.18
C GLY B 57 28.32 26.24 13.23
N GLU B 58 29.17 25.26 13.51
CA GLU B 58 29.39 24.19 12.56
C GLU B 58 28.21 23.24 12.56
N MET B 59 27.71 22.98 11.37
CA MET B 59 26.68 21.98 11.19
C MET B 59 27.24 20.56 11.41
N VAL B 60 26.89 19.93 12.52
CA VAL B 60 27.37 18.59 12.81
C VAL B 60 26.22 17.64 13.05
N ILE B 61 26.23 16.51 12.35
CA ILE B 61 25.25 15.46 12.58
C ILE B 61 25.92 14.37 13.45
N PRO B 62 25.43 14.17 14.68
CA PRO B 62 26.02 13.17 15.60
C PRO B 62 25.98 11.75 15.02
N ARG B 63 26.88 10.88 15.47
CA ARG B 63 26.79 9.44 15.15
C ARG B 63 25.49 8.87 15.66
N ARG B 64 24.94 7.93 14.92
CA ARG B 64 23.64 7.38 15.28
C ARG B 64 23.67 6.49 16.53
N TYR B 65 24.70 5.65 16.64
CA TYR B 65 24.81 4.70 17.74
C TYR B 65 25.95 5.06 18.66
N LEU B 66 25.76 4.74 19.94
CA LEU B 66 26.81 4.93 20.92
C LEU B 66 28.09 4.23 20.46
N SER B 67 27.95 2.95 20.14
CA SER B 67 29.05 2.14 19.63
C SER B 67 28.60 1.20 18.50
N GLY B 68 29.35 1.21 17.41
CA GLY B 68 29.10 0.29 16.30
C GLY B 68 27.92 0.64 15.41
N ASN B 69 27.23 -0.38 14.92
CA ASN B 69 26.04 -0.19 14.09
C ASN B 69 24.84 -0.90 14.70
N HIS B 70 25.10 -1.55 15.82
CA HIS B 70 24.03 -1.88 16.74
C HIS B 70 24.33 -1.07 17.99
N GLY B 71 24.01 -1.62 19.15
CA GLY B 71 24.10 -0.86 20.38
C GLY B 71 22.86 0.01 20.56
N PRO B 72 22.87 0.85 21.59
CA PRO B 72 21.77 1.78 21.80
C PRO B 72 22.00 3.09 21.04
N VAL B 73 20.92 3.67 20.56
CA VAL B 73 20.94 4.96 19.88
C VAL B 73 21.60 6.09 20.70
N ASN B 74 22.48 6.85 20.05
CA ASN B 74 23.10 8.03 20.63
C ASN B 74 22.01 9.05 21.04
N PRO B 75 21.95 9.42 22.32
CA PRO B 75 20.93 10.40 22.73
C PRO B 75 21.12 11.80 22.13
N ASP B 76 22.33 12.10 21.64
CA ASP B 76 22.58 13.38 20.98
C ASP B 76 22.03 13.41 19.55
N TYR B 77 21.76 12.24 18.98
CA TYR B 77 21.40 12.12 17.57
C TYR B 77 20.03 12.70 17.20
N GLU B 78 18.98 12.10 17.74
CA GLU B 78 17.58 12.40 17.42
C GLU B 78 17.26 13.90 17.43
N PRO B 79 17.71 14.62 18.49
CA PRO B 79 17.34 16.04 18.55
C PRO B 79 17.92 16.80 17.38
N VAL B 80 19.05 16.35 16.85
CA VAL B 80 19.66 17.03 15.72
C VAL B 80 18.95 16.72 14.42
N VAL B 81 18.79 15.44 14.08
CA VAL B 81 18.07 15.08 12.88
C VAL B 81 16.65 15.61 12.91
N THR B 82 16.08 15.75 14.12
CA THR B 82 14.70 16.18 14.25
C THR B 82 14.57 17.60 13.75
N LEU B 83 15.62 18.40 13.97
CA LEU B 83 15.63 19.76 13.48
CA LEU B 83 15.70 19.75 13.47
C LEU B 83 15.39 19.74 11.98
N TYR B 84 16.17 18.93 11.26
CA TYR B 84 16.13 18.93 9.82
C TYR B 84 14.88 18.31 9.35
N ARG B 85 14.46 17.23 10.00
CA ARG B 85 13.23 16.59 9.61
C ARG B 85 12.02 17.55 9.73
N ASP B 86 11.92 18.27 10.83
CA ASP B 86 10.80 19.23 10.99
C ASP B 86 10.93 20.39 9.97
N PHE B 87 12.15 20.90 9.78
CA PHE B 87 12.40 21.97 8.81
C PHE B 87 11.85 21.55 7.46
N GLU B 88 12.10 20.30 7.08
CA GLU B 88 11.68 19.81 5.78
C GLU B 88 10.17 19.59 5.75
N LYS B 89 9.62 19.01 6.81
CA LYS B 89 8.19 18.75 6.78
C LYS B 89 7.38 20.05 6.71
N ILE B 90 7.74 21.01 7.53
CA ILE B 90 7.02 22.28 7.58
C ILE B 90 7.16 23.01 6.24
N SER B 91 8.38 23.00 5.69
CA SER B 91 8.64 23.66 4.40
C SER B 91 7.70 23.14 3.36
N ALA B 92 7.70 21.81 3.20
CA ALA B 92 6.87 21.18 2.20
C ALA B 92 5.40 21.41 2.47
N THR B 93 5.01 21.32 3.73
CA THR B 93 3.59 21.54 4.05
C THR B 93 3.12 22.94 3.69
N LEU B 94 3.92 23.94 4.05
CA LEU B 94 3.54 25.31 3.78
C LEU B 94 3.53 25.57 2.27
N GLY B 95 4.47 24.96 1.53
CA GLY B 95 4.45 25.11 0.09
C GLY B 95 3.19 24.52 -0.52
N ASN B 96 2.85 23.29 -0.11
CA ASN B 96 1.65 22.65 -0.61
C ASN B 96 0.39 23.46 -0.24
N LEU B 97 0.32 23.97 0.99
CA LEU B 97 -0.83 24.76 1.41
C LEU B 97 -0.97 26.02 0.54
N TYR B 98 0.16 26.65 0.21
CA TYR B 98 0.12 27.83 -0.66
C TYR B 98 -0.41 27.47 -2.05
N VAL B 99 0.02 26.34 -2.58
CA VAL B 99 -0.45 25.97 -3.91
C VAL B 99 -1.97 25.74 -3.85
N ALA B 100 -2.41 24.95 -2.87
CA ALA B 100 -3.80 24.58 -2.74
C ALA B 100 -4.75 25.72 -2.47
N THR B 101 -4.35 26.68 -1.63
CA THR B 101 -5.27 27.73 -1.19
C THR B 101 -5.00 29.10 -1.78
N GLY B 102 -3.76 29.36 -2.20
CA GLY B 102 -3.41 30.69 -2.70
C GLY B 102 -3.35 31.75 -1.59
N LYS B 103 -3.42 31.35 -0.32
CA LYS B 103 -3.38 32.35 0.74
C LYS B 103 -1.96 32.79 1.07
N PRO B 104 -1.68 34.09 1.01
CA PRO B 104 -0.33 34.59 1.25
C PRO B 104 0.17 34.28 2.65
N VAL B 105 -0.71 34.13 3.64
CA VAL B 105 -0.22 33.84 4.98
C VAL B 105 0.75 32.65 5.00
N TYR B 106 0.47 31.62 4.21
CA TYR B 106 1.35 30.47 4.16
C TYR B 106 2.73 30.80 3.58
N ALA B 107 2.75 31.73 2.64
CA ALA B 107 4.01 32.20 2.10
C ALA B 107 4.76 32.96 3.19
N THR B 108 4.05 33.75 3.95
CA THR B 108 4.70 34.55 5.00
C THR B 108 5.27 33.63 6.07
N CYS B 109 4.52 32.60 6.47
CA CYS B 109 5.06 31.68 7.47
C CYS B 109 6.33 31.00 6.96
N LEU B 110 6.36 30.62 5.67
CA LEU B 110 7.56 29.93 5.13
C LEU B 110 8.75 30.89 5.12
N LEU B 111 8.50 32.10 4.66
CA LEU B 111 9.57 33.11 4.63
C LEU B 111 10.16 33.37 6.02
N ASN B 112 9.32 33.47 7.06
CA ASN B 112 9.81 33.76 8.39
C ASN B 112 10.73 32.65 8.87
N MET B 113 10.34 31.41 8.64
CA MET B 113 11.20 30.29 9.06
C MET B 113 12.52 30.28 8.28
N LEU B 114 12.44 30.38 6.95
CA LEU B 114 13.67 30.38 6.13
C LEU B 114 14.58 31.57 6.43
N ASP B 115 13.99 32.72 6.68
CA ASP B 115 14.78 33.92 6.99
C ASP B 115 15.63 33.68 8.25
N LYS B 116 15.04 32.99 9.24
CA LYS B 116 15.71 32.67 10.50
C LYS B 116 16.92 31.76 10.21
N TRP B 117 16.76 30.79 9.32
CA TRP B 117 17.88 29.96 8.87
C TRP B 117 18.89 30.75 8.02
N ALA B 118 18.42 31.60 7.13
CA ALA B 118 19.34 32.43 6.31
C ALA B 118 20.22 33.31 7.20
N LYS B 119 19.60 33.95 8.19
CA LYS B 119 20.32 34.91 9.07
C LYS B 119 21.43 34.22 9.87
N ALA B 120 21.26 32.93 10.12
CA ALA B 120 22.25 32.18 10.88
C ALA B 120 23.31 31.56 9.97
N ASP B 121 23.24 31.84 8.67
CA ASP B 121 24.13 31.17 7.73
C ASP B 121 24.06 29.67 7.85
N ALA B 122 22.85 29.14 8.01
CA ALA B 122 22.67 27.68 8.06
C ALA B 122 23.07 26.96 6.78
N LEU B 123 23.33 25.66 6.92
CA LEU B 123 23.64 24.80 5.79
C LEU B 123 24.87 25.23 4.99
N LEU B 124 25.80 25.96 5.62
CA LEU B 124 26.99 26.44 4.94
C LEU B 124 28.34 26.00 5.58
N ASN B 125 28.37 25.86 6.89
CA ASN B 125 29.61 25.51 7.54
CA ASN B 125 29.61 25.52 7.60
C ASN B 125 29.56 24.06 8.04
N TYR B 126 30.24 23.18 7.31
CA TYR B 126 30.27 21.77 7.64
C TYR B 126 31.45 21.09 6.99
N ASP B 127 31.78 19.91 7.48
CA ASP B 127 32.77 19.06 6.84
C ASP B 127 32.12 18.27 5.68
N PRO B 128 32.62 18.46 4.45
CA PRO B 128 32.02 17.86 3.25
C PRO B 128 32.10 16.36 3.21
N LYS B 129 33.01 15.76 3.98
CA LYS B 129 33.11 14.29 3.99
C LYS B 129 32.20 13.69 5.05
N SER B 130 31.41 14.55 5.72
CA SER B 130 30.49 14.10 6.75
C SER B 130 29.05 13.91 6.24
N GLN B 131 28.22 13.35 7.10
CA GLN B 131 26.80 13.18 6.80
C GLN B 131 26.14 14.53 6.51
N SER B 132 26.71 15.60 7.04
CA SER B 132 26.17 16.93 6.84
C SER B 132 26.01 17.22 5.35
N TRP B 133 26.92 16.67 4.56
CA TRP B 133 26.92 16.88 3.12
C TRP B 133 25.55 16.54 2.56
N TYR B 134 25.10 15.35 2.88
CA TYR B 134 23.86 14.85 2.32
C TYR B 134 22.66 15.60 2.89
N GLN B 135 22.75 15.91 4.17
CA GLN B 135 21.64 16.64 4.81
C GLN B 135 21.39 17.99 4.14
N VAL B 136 22.45 18.67 3.73
CA VAL B 136 22.30 19.98 3.09
C VAL B 136 21.53 19.82 1.77
N GLU B 137 21.89 18.83 0.99
CA GLU B 137 21.28 18.70 -0.32
C GLU B 137 19.80 18.42 -0.18
N TRP B 138 19.40 17.67 0.85
CA TRP B 138 17.99 17.34 1.03
C TRP B 138 17.25 18.55 1.50
N SER B 139 17.78 19.20 2.53
CA SER B 139 17.07 20.33 3.13
C SER B 139 17.02 21.55 2.21
N ALA B 140 18.11 21.83 1.50
CA ALA B 140 18.15 23.02 0.69
C ALA B 140 17.15 22.83 -0.43
N ALA B 141 17.15 21.64 -1.07
CA ALA B 141 16.16 21.39 -2.12
C ALA B 141 14.73 21.46 -1.61
N THR B 142 14.47 20.89 -0.43
CA THR B 142 13.09 20.88 0.08
C THR B 142 12.56 22.33 0.21
N ALA B 143 13.37 23.18 0.81
CA ALA B 143 12.96 24.58 1.06
C ALA B 143 12.78 25.29 -0.29
N ALA B 144 13.67 24.98 -1.22
CA ALA B 144 13.66 25.66 -2.52
C ALA B 144 12.42 25.28 -3.33
N PHE B 145 12.05 23.99 -3.33
CA PHE B 145 10.81 23.60 -3.98
C PHE B 145 9.66 24.37 -3.38
N ALA B 146 9.56 24.41 -2.05
CA ALA B 146 8.42 25.10 -1.43
C ALA B 146 8.38 26.61 -1.79
N LEU B 147 9.54 27.26 -1.68
CA LEU B 147 9.66 28.69 -1.98
C LEU B 147 9.40 29.00 -3.47
N SER B 148 9.73 28.05 -4.34
CA SER B 148 9.61 28.29 -5.78
C SER B 148 8.16 28.47 -6.18
N THR B 149 7.23 27.98 -5.37
CA THR B 149 5.81 28.09 -5.73
C THR B 149 5.29 29.48 -5.38
N MET B 150 6.09 30.23 -4.64
CA MET B 150 5.66 31.55 -4.13
C MET B 150 6.45 32.71 -4.68
N MET B 151 7.25 32.47 -5.72
CA MET B 151 8.15 33.50 -6.24
C MET B 151 7.38 34.66 -6.89
N ALA B 152 6.16 34.37 -7.33
CA ALA B 152 5.30 35.37 -7.97
C ALA B 152 4.30 36.05 -7.02
N GLU B 153 4.26 35.64 -5.75
CA GLU B 153 3.34 36.23 -4.76
C GLU B 153 3.71 37.68 -4.39
N PRO B 154 2.84 38.66 -4.70
CA PRO B 154 3.16 40.07 -4.37
C PRO B 154 2.98 40.42 -2.91
N ASN B 155 2.14 39.67 -2.21
CA ASN B 155 1.79 40.07 -0.84
C ASN B 155 2.68 39.48 0.24
N VAL B 156 4.00 39.65 0.09
CA VAL B 156 4.95 39.17 1.08
C VAL B 156 5.97 40.24 1.29
N ASP B 157 6.80 40.07 2.31
CA ASP B 157 7.92 40.97 2.46
C ASP B 157 8.91 40.63 1.35
N THR B 158 8.99 41.48 0.34
CA THR B 158 9.84 41.16 -0.79
C THR B 158 11.34 41.19 -0.46
N ALA B 159 11.77 42.01 0.48
CA ALA B 159 13.19 42.10 0.79
C ALA B 159 13.59 40.79 1.48
N GLN B 160 12.69 40.28 2.30
CA GLN B 160 12.91 39.05 3.01
C GLN B 160 13.03 37.88 2.03
N ARG B 161 12.17 37.88 1.02
CA ARG B 161 12.21 36.81 0.03
C ARG B 161 13.54 36.85 -0.72
N GLU B 162 14.00 38.06 -1.08
CA GLU B 162 15.29 38.22 -1.79
C GLU B 162 16.45 37.69 -0.97
N ARG B 163 16.42 38.00 0.31
CA ARG B 163 17.48 37.61 1.25
C ARG B 163 17.48 36.08 1.37
N VAL B 164 16.30 35.47 1.45
CA VAL B 164 16.22 34.00 1.50
C VAL B 164 16.73 33.36 0.18
N VAL B 165 16.33 33.92 -0.95
CA VAL B 165 16.76 33.39 -2.24
C VAL B 165 18.30 33.43 -2.34
N LYS B 166 18.88 34.57 -1.97
CA LYS B 166 20.34 34.74 -2.01
CA LYS B 166 20.33 34.71 -2.06
C LYS B 166 21.03 33.71 -1.13
N TRP B 167 20.44 33.45 0.02
CA TRP B 167 21.03 32.47 0.95
C TRP B 167 21.03 31.07 0.30
N LEU B 168 19.89 30.70 -0.26
CA LEU B 168 19.79 29.38 -0.91
C LEU B 168 20.77 29.25 -2.09
N ASN B 169 20.94 30.34 -2.83
CA ASN B 169 21.95 30.35 -3.89
C ASN B 169 23.37 30.11 -3.35
N ARG B 170 23.74 30.80 -2.27
CA ARG B 170 25.02 30.52 -1.63
CA ARG B 170 25.02 30.52 -1.60
C ARG B 170 25.14 29.04 -1.18
N VAL B 171 24.09 28.52 -0.56
CA VAL B 171 24.11 27.12 -0.06
C VAL B 171 24.41 26.16 -1.23
N ALA B 172 23.69 26.34 -2.32
CA ALA B 172 23.88 25.45 -3.47
C ALA B 172 25.24 25.65 -4.13
N ARG B 173 25.67 26.89 -4.30
CA ARG B 173 26.98 27.09 -4.93
C ARG B 173 28.11 26.49 -4.09
N HIS B 174 28.03 26.65 -2.78
CA HIS B 174 28.99 26.02 -1.92
C HIS B 174 29.00 24.52 -2.19
N GLN B 175 27.84 23.91 -2.30
CA GLN B 175 27.86 22.48 -2.55
C GLN B 175 28.44 22.11 -3.92
N THR B 176 28.26 22.96 -4.92
CA THR B 176 28.70 22.54 -6.25
C THR B 176 30.12 23.03 -6.53
N SER B 177 30.74 23.67 -5.54
CA SER B 177 32.13 24.05 -5.69
C SER B 177 33.05 22.82 -5.52
N PHE B 178 32.50 21.71 -4.98
CA PHE B 178 33.18 20.41 -4.75
C PHE B 178 32.95 19.36 -5.87
N PRO B 179 33.38 18.08 -5.63
CA PRO B 179 33.07 17.06 -6.65
C PRO B 179 32.52 15.64 -6.21
N GLY B 180 32.74 15.23 -4.94
CA GLY B 180 32.33 13.90 -4.48
C GLY B 180 33.36 12.80 -4.74
N GLY B 181 33.08 11.58 -4.25
CA GLY B 181 34.00 10.45 -4.35
C GLY B 181 33.98 9.69 -5.68
N ASP B 182 34.40 8.42 -5.66
CA ASP B 182 34.35 7.60 -6.89
C ASP B 182 32.94 7.07 -7.16
N THR B 183 32.14 7.00 -6.11
CA THR B 183 30.72 6.68 -6.26
C THR B 183 29.82 7.93 -6.18
N SER B 184 29.99 8.75 -5.14
CA SER B 184 29.10 9.90 -4.91
C SER B 184 29.25 11.04 -5.94
N CYS B 185 30.30 10.96 -6.76
CA CYS B 185 30.46 11.85 -7.91
C CYS B 185 29.33 11.63 -8.93
N CYS B 186 28.83 10.39 -9.00
CA CYS B 186 28.22 9.92 -10.25
C CYS B 186 26.96 9.10 -10.05
N ASN B 187 26.71 8.68 -8.82
CA ASN B 187 25.55 7.85 -8.51
C ASN B 187 24.37 8.73 -8.07
N ASN B 188 23.38 8.13 -7.40
CA ASN B 188 22.17 8.87 -7.01
C ASN B 188 22.45 10.17 -6.23
N ALA B 189 23.46 10.17 -5.36
CA ALA B 189 23.83 11.38 -4.61
C ALA B 189 24.12 12.58 -5.50
N SER B 190 24.79 12.32 -6.63
CA SER B 190 25.05 13.30 -7.68
CA SER B 190 25.02 13.42 -7.54
C SER B 190 23.74 13.82 -8.25
N TYR B 191 22.77 12.91 -8.38
CA TYR B 191 21.47 13.32 -8.90
C TYR B 191 20.78 14.20 -7.85
N TRP B 192 21.08 13.96 -6.57
CA TRP B 192 20.36 14.71 -5.53
C TRP B 192 20.95 16.13 -5.50
N ARG B 193 22.28 16.25 -5.65
CA ARG B 193 22.90 17.56 -5.82
C ARG B 193 22.37 18.23 -7.09
N GLY B 194 22.04 17.43 -8.10
CA GLY B 194 21.52 17.94 -9.36
C GLY B 194 20.16 18.60 -9.17
N GLN B 195 19.26 17.98 -8.40
CA GLN B 195 17.91 18.56 -8.25
C GLN B 195 18.03 19.83 -7.40
N GLU B 196 18.88 19.80 -6.39
CA GLU B 196 19.16 21.01 -5.62
C GLU B 196 19.63 22.18 -6.49
N ALA B 197 20.62 21.91 -7.33
CA ALA B 197 21.14 22.97 -8.22
C ALA B 197 20.09 23.47 -9.19
N THR B 198 19.31 22.56 -9.73
CA THR B 198 18.31 22.93 -10.74
C THR B 198 17.23 23.83 -10.18
N ILE B 199 16.63 23.47 -9.04
CA ILE B 199 15.53 24.26 -8.53
C ILE B 199 16.08 25.58 -7.95
N ILE B 200 17.24 25.54 -7.30
CA ILE B 200 17.80 26.79 -6.77
C ILE B 200 18.29 27.69 -7.91
N GLY B 201 18.90 27.09 -8.93
CA GLY B 201 19.28 27.84 -10.13
C GLY B 201 18.06 28.59 -10.68
N VAL B 202 16.90 27.91 -10.75
CA VAL B 202 15.68 28.58 -11.25
C VAL B 202 15.25 29.80 -10.39
N ILE B 203 15.09 29.60 -9.11
CA ILE B 203 14.50 30.67 -8.33
C ILE B 203 15.45 31.84 -8.15
N SER B 204 16.75 31.59 -8.21
CA SER B 204 17.71 32.72 -8.07
C SER B 204 18.21 33.17 -9.45
N LYS B 205 17.61 32.64 -10.51
CA LYS B 205 17.99 33.03 -11.86
C LYS B 205 19.52 32.91 -12.08
N ASP B 206 20.08 31.77 -11.71
CA ASP B 206 21.51 31.55 -11.79
C ASP B 206 21.69 30.48 -12.87
N ASP B 207 22.06 30.90 -14.08
CA ASP B 207 22.16 29.99 -15.23
C ASP B 207 23.23 28.92 -14.99
N GLU B 208 24.31 29.28 -14.33
CA GLU B 208 25.38 28.31 -14.11
C GLU B 208 24.84 27.11 -13.31
N LEU B 209 24.13 27.45 -12.23
CA LEU B 209 23.60 26.43 -11.36
C LEU B 209 22.60 25.57 -12.10
N PHE B 210 21.77 26.24 -12.87
CA PHE B 210 20.76 25.58 -13.64
C PHE B 210 21.41 24.58 -14.60
N ARG B 211 22.42 25.03 -15.34
CA ARG B 211 23.11 24.18 -16.30
C ARG B 211 23.77 23.00 -15.58
N TRP B 212 24.33 23.28 -14.42
CA TRP B 212 25.07 22.26 -13.70
C TRP B 212 24.10 21.12 -13.38
N GLY B 213 22.91 21.49 -12.93
CA GLY B 213 21.94 20.51 -12.54
C GLY B 213 21.43 19.72 -13.72
N LEU B 214 21.17 20.38 -14.84
CA LEU B 214 20.78 19.66 -16.03
C LEU B 214 21.86 18.65 -16.43
N GLY B 215 23.12 19.06 -16.29
CA GLY B 215 24.24 18.19 -16.62
C GLY B 215 24.22 16.92 -15.82
N ARG B 216 23.68 16.95 -14.59
CA ARG B 216 23.63 15.77 -13.75
CA ARG B 216 23.67 15.76 -13.77
C ARG B 216 22.66 14.77 -14.34
N TYR B 217 21.57 15.26 -14.92
CA TYR B 217 20.61 14.36 -15.57
C TYR B 217 21.25 13.68 -16.80
N VAL B 218 21.96 14.46 -17.60
CA VAL B 218 22.67 13.96 -18.76
C VAL B 218 23.70 12.89 -18.36
N GLN B 219 24.48 13.19 -17.35
CA GLN B 219 25.42 12.21 -16.80
C GLN B 219 24.66 10.92 -16.46
N ALA B 220 23.49 11.04 -15.82
CA ALA B 220 22.74 9.87 -15.36
C ALA B 220 22.34 8.96 -16.51
N MET B 221 21.90 9.57 -17.60
CA MET B 221 21.44 8.83 -18.77
C MET B 221 22.58 8.02 -19.39
N GLY B 222 23.81 8.46 -19.20
CA GLY B 222 24.95 7.73 -19.73
C GLY B 222 25.36 6.58 -18.84
N LEU B 223 24.61 6.39 -17.75
CA LEU B 223 24.98 5.37 -16.77
C LEU B 223 23.86 4.36 -16.60
N ILE B 224 23.09 4.21 -17.67
CA ILE B 224 21.99 3.29 -17.68
C ILE B 224 22.39 2.09 -18.54
N ASN B 225 22.25 0.90 -17.98
CA ASN B 225 22.47 -0.33 -18.73
C ASN B 225 21.41 -0.55 -19.78
N GLU B 226 21.61 -1.59 -20.59
CA GLU B 226 20.67 -1.93 -21.66
C GLU B 226 19.26 -2.26 -21.11
N ASP B 227 19.22 -2.90 -19.95
CA ASP B 227 17.95 -3.28 -19.33
C ASP B 227 17.25 -2.16 -18.53
N GLY B 228 17.89 -0.98 -18.41
CA GLY B 228 17.30 0.13 -17.69
C GLY B 228 17.87 0.31 -16.30
N SER B 229 18.71 -0.60 -15.88
CA SER B 229 19.27 -0.50 -14.54
C SER B 229 20.40 0.56 -14.52
N PHE B 230 20.55 1.24 -13.39
CA PHE B 230 21.62 2.23 -13.25
C PHE B 230 22.88 1.51 -12.80
N VAL B 231 23.97 1.75 -13.52
CA VAL B 231 25.24 1.09 -13.25
C VAL B 231 25.63 1.12 -11.78
N HIS B 232 25.62 2.30 -11.17
CA HIS B 232 26.12 2.45 -9.81
C HIS B 232 25.18 1.91 -8.74
N GLU B 233 23.88 1.87 -9.05
CA GLU B 233 22.91 1.42 -8.05
C GLU B 233 22.89 -0.12 -8.00
N MET B 234 23.25 -0.76 -9.10
CA MET B 234 23.33 -2.23 -9.13
C MET B 234 24.51 -2.84 -8.34
N THR B 235 25.33 -1.98 -7.73
CA THR B 235 26.41 -2.45 -6.86
C THR B 235 26.05 -2.40 -5.36
N ARG B 236 24.77 -2.21 -5.04
CA ARG B 236 24.37 -1.97 -3.66
C ARG B 236 23.85 -3.24 -2.97
N HIS B 237 24.17 -4.39 -3.55
CA HIS B 237 23.79 -5.66 -2.97
C HIS B 237 22.29 -5.75 -2.67
N GLU B 238 21.93 -5.89 -1.40
CA GLU B 238 20.50 -6.11 -1.08
C GLU B 238 19.66 -4.84 -1.19
N GLN B 239 20.32 -3.69 -1.39
CA GLN B 239 19.66 -2.40 -1.51
C GLN B 239 19.65 -1.93 -2.96
N SER B 240 20.06 -2.82 -3.87
CA SER B 240 20.26 -2.41 -5.26
C SER B 240 18.96 -1.91 -5.88
N LEU B 241 17.88 -2.65 -5.66
CA LEU B 241 16.58 -2.29 -6.22
C LEU B 241 16.05 -1.04 -5.56
N HIS B 242 16.32 -0.92 -4.25
CA HIS B 242 15.91 0.24 -3.48
C HIS B 242 16.56 1.53 -4.00
N TYR B 243 17.85 1.45 -4.29
CA TYR B 243 18.59 2.59 -4.84
C TYR B 243 18.30 2.90 -6.31
N GLN B 244 17.91 1.87 -7.08
CA GLN B 244 17.44 2.10 -8.44
C GLN B 244 16.21 3.02 -8.33
N ASN B 245 15.31 2.69 -7.42
CA ASN B 245 14.13 3.52 -7.26
C ASN B 245 14.47 4.91 -6.72
N TYR B 246 15.35 4.95 -5.72
CA TYR B 246 15.76 6.15 -5.07
C TYR B 246 16.27 7.21 -6.09
N ALA B 247 17.04 6.75 -7.08
CA ALA B 247 17.60 7.63 -8.10
C ALA B 247 16.52 8.24 -9.00
N MET B 248 15.41 7.55 -9.17
CA MET B 248 14.27 8.10 -9.92
C MET B 248 13.70 9.40 -9.33
N LEU B 249 13.90 9.59 -8.02
CA LEU B 249 13.28 10.72 -7.33
C LEU B 249 13.87 12.06 -7.79
N PRO B 250 15.19 12.28 -7.60
CA PRO B 250 15.67 13.59 -8.06
C PRO B 250 15.73 13.71 -9.59
N LEU B 251 15.97 12.62 -10.31
CA LEU B 251 15.99 12.70 -11.76
C LEU B 251 14.64 13.22 -12.27
N THR B 252 13.57 12.75 -11.64
CA THR B 252 12.23 13.18 -12.02
C THR B 252 12.03 14.67 -11.74
N MET B 253 12.51 15.15 -10.59
CA MET B 253 12.34 16.56 -10.24
C MET B 253 13.19 17.45 -11.16
N ILE B 254 14.39 17.00 -11.51
CA ILE B 254 15.16 17.77 -12.48
C ILE B 254 14.35 17.93 -13.76
N ALA B 255 13.80 16.83 -14.24
CA ALA B 255 13.06 16.87 -15.49
C ALA B 255 11.82 17.75 -15.40
N GLU B 256 11.09 17.64 -14.30
CA GLU B 256 9.84 18.43 -14.17
C GLU B 256 10.17 19.90 -14.07
N THR B 257 11.25 20.23 -13.37
CA THR B 257 11.66 21.63 -13.19
C THR B 257 12.11 22.24 -14.53
N ALA B 258 12.97 21.52 -15.23
CA ALA B 258 13.49 21.91 -16.52
C ALA B 258 12.35 22.09 -17.52
N SER B 259 11.33 21.24 -17.43
CA SER B 259 10.25 21.31 -18.41
C SER B 259 9.55 22.67 -18.35
N ARG B 260 9.45 23.27 -17.17
CA ARG B 260 8.84 24.60 -17.09
C ARG B 260 9.76 25.72 -17.57
N GLN B 261 11.01 25.40 -17.88
CA GLN B 261 11.88 26.38 -18.54
C GLN B 261 11.92 26.09 -20.05
N GLY B 262 11.08 25.17 -20.50
CA GLY B 262 10.96 24.85 -21.91
C GLY B 262 11.91 23.76 -22.38
N ILE B 263 12.50 23.01 -21.46
CA ILE B 263 13.46 22.01 -21.84
C ILE B 263 12.86 20.64 -21.58
N ASP B 264 12.98 19.72 -22.54
CA ASP B 264 12.35 18.41 -22.39
C ASP B 264 13.43 17.37 -22.14
N LEU B 265 13.80 17.21 -20.89
CA LEU B 265 14.84 16.25 -20.54
C LEU B 265 14.33 14.82 -20.67
N TYR B 266 13.01 14.63 -20.61
CA TYR B 266 12.49 13.27 -20.75
C TYR B 266 12.90 12.70 -22.09
N ALA B 267 12.87 13.56 -23.12
CA ALA B 267 13.23 13.18 -24.49
C ALA B 267 14.72 12.95 -24.69
N TYR B 268 15.53 13.22 -23.67
CA TYR B 268 16.95 13.14 -23.86
C TYR B 268 17.41 11.70 -23.67
N LYS B 269 18.13 11.17 -24.65
CA LYS B 269 18.73 9.84 -24.49
C LYS B 269 20.19 9.74 -24.92
N GLU B 270 20.88 8.74 -24.36
CA GLU B 270 22.21 8.36 -24.79
C GLU B 270 22.24 6.88 -25.14
N ASN B 271 22.77 6.53 -26.31
CA ASN B 271 22.73 5.15 -26.78
C ASN B 271 21.33 4.58 -26.77
N GLY B 272 20.36 5.38 -27.19
CA GLY B 272 18.97 4.93 -27.21
C GLY B 272 18.37 4.57 -25.84
N ARG B 273 19.08 4.88 -24.76
CA ARG B 273 18.54 4.68 -23.40
C ARG B 273 18.11 6.00 -22.74
N ASP B 274 17.01 5.94 -22.01
CA ASP B 274 16.45 7.14 -21.40
C ASP B 274 15.79 6.78 -20.09
N ILE B 275 15.10 7.74 -19.49
CA ILE B 275 14.61 7.54 -18.14
C ILE B 275 13.45 6.56 -18.17
N HIS B 276 12.76 6.51 -19.31
CA HIS B 276 11.65 5.57 -19.45
C HIS B 276 12.15 4.11 -19.25
N SER B 277 13.32 3.81 -19.80
CA SER B 277 13.97 2.50 -19.61
C SER B 277 14.15 2.22 -18.15
N ALA B 278 14.59 3.24 -17.41
CA ALA B 278 14.84 3.04 -15.98
C ALA B 278 13.53 2.79 -15.22
N ARG B 279 12.46 3.48 -15.63
CA ARG B 279 11.17 3.30 -14.99
C ARG B 279 10.70 1.85 -15.20
N LYS B 280 10.83 1.38 -16.44
CA LYS B 280 10.37 0.05 -16.81
C LYS B 280 11.15 -1.00 -16.04
N PHE B 281 12.45 -0.82 -15.94
CA PHE B 281 13.22 -1.75 -15.14
C PHE B 281 12.67 -1.82 -13.72
N VAL B 282 12.34 -0.67 -13.11
CA VAL B 282 11.91 -0.69 -11.72
C VAL B 282 10.63 -1.51 -11.58
N PHE B 283 9.65 -1.24 -12.45
CA PHE B 283 8.36 -1.92 -12.40
C PHE B 283 8.54 -3.41 -12.62
N ALA B 284 9.33 -3.74 -13.64
CA ALA B 284 9.60 -5.14 -13.98
C ALA B 284 10.29 -5.84 -12.83
N ALA B 285 11.35 -5.23 -12.31
CA ALA B 285 12.12 -5.89 -11.26
C ALA B 285 11.32 -6.02 -9.96
N VAL B 286 10.36 -5.14 -9.73
CA VAL B 286 9.58 -5.28 -8.51
C VAL B 286 8.70 -6.53 -8.62
N LYS B 287 8.05 -6.72 -9.76
CA LYS B 287 7.24 -7.92 -9.95
C LYS B 287 8.01 -9.15 -10.47
N ASN B 288 9.34 -9.10 -10.39
CA ASN B 288 10.17 -10.25 -10.76
C ASN B 288 11.63 -10.02 -10.37
N PRO B 289 11.90 -10.08 -9.07
CA PRO B 289 13.24 -9.73 -8.57
C PRO B 289 14.34 -10.68 -9.01
N ASP B 290 14.00 -11.66 -9.85
CA ASP B 290 15.01 -12.45 -10.55
C ASP B 290 15.83 -11.57 -11.50
N LEU B 291 15.19 -10.55 -12.08
CA LEU B 291 15.88 -9.58 -12.91
C LEU B 291 17.15 -9.08 -12.23
N ILE B 292 17.08 -8.90 -10.92
CA ILE B 292 18.16 -8.26 -10.17
C ILE B 292 19.34 -9.20 -10.00
N LYS B 293 19.06 -10.50 -10.08
CA LYS B 293 20.07 -11.52 -9.77
C LYS B 293 21.26 -11.41 -10.72
N LYS B 294 20.99 -10.89 -11.92
CA LYS B 294 22.04 -10.59 -12.89
CA LYS B 294 22.02 -10.56 -12.89
C LYS B 294 23.13 -9.72 -12.27
N TYR B 295 22.80 -8.98 -11.22
CA TYR B 295 23.69 -7.97 -10.62
C TYR B 295 24.02 -8.22 -9.16
N ALA B 296 23.04 -8.75 -8.43
CA ALA B 296 23.21 -9.00 -6.99
C ALA B 296 22.49 -10.27 -6.56
N SER B 297 23.17 -11.04 -5.71
CA SER B 297 22.68 -12.35 -5.31
C SER B 297 21.74 -12.25 -4.11
N GLU B 298 21.97 -11.24 -3.27
CA GLU B 298 21.16 -11.06 -2.07
C GLU B 298 19.70 -10.82 -2.40
N PRO B 299 18.81 -11.29 -1.51
CA PRO B 299 17.38 -11.03 -1.67
C PRO B 299 17.20 -9.54 -1.49
N GLN B 300 16.33 -8.92 -2.28
CA GLN B 300 16.25 -7.46 -2.25
C GLN B 300 15.35 -6.90 -1.14
N ASP B 301 15.87 -5.92 -0.39
CA ASP B 301 15.02 -5.14 0.52
C ASP B 301 13.99 -4.37 -0.31
N THR B 302 12.70 -4.56 0.00
CA THR B 302 11.62 -3.92 -0.76
C THR B 302 10.72 -3.02 0.10
N ARG B 303 11.19 -2.61 1.27
CA ARG B 303 10.41 -1.71 2.14
C ARG B 303 9.89 -0.47 1.39
N ALA B 304 10.63 0.01 0.38
CA ALA B 304 10.20 1.23 -0.31
C ALA B 304 8.92 1.03 -1.09
N PHE B 305 8.61 -0.21 -1.43
CA PHE B 305 7.54 -0.46 -2.38
C PHE B 305 6.24 -0.84 -1.71
N LYS B 306 5.64 0.14 -1.07
CA LYS B 306 4.41 -0.08 -0.35
C LYS B 306 3.64 1.21 -0.46
N PRO B 307 2.31 1.12 -0.60
CA PRO B 307 1.44 2.30 -0.70
C PRO B 307 1.75 3.36 0.37
N GLY B 308 1.75 4.63 -0.02
CA GLY B 308 1.99 5.72 0.91
C GLY B 308 3.47 6.02 1.19
N ARG B 309 4.38 5.16 0.72
CA ARG B 309 5.81 5.46 0.84
C ARG B 309 6.24 6.68 0.00
N GLY B 310 6.95 7.62 0.63
CA GLY B 310 7.42 8.81 -0.05
C GLY B 310 8.34 8.48 -1.21
N ASP B 311 9.08 7.38 -1.10
CA ASP B 311 9.92 6.86 -2.18
C ASP B 311 9.21 6.72 -3.51
N LEU B 312 7.89 6.74 -3.51
CA LEU B 312 7.13 6.59 -4.76
C LEU B 312 6.63 7.89 -5.40
N ASN B 313 6.97 9.02 -4.78
CA ASN B 313 6.46 10.31 -5.21
C ASN B 313 6.69 10.55 -6.72
N TRP B 314 7.84 10.09 -7.21
CA TRP B 314 8.20 10.35 -8.61
C TRP B 314 7.19 9.79 -9.61
N ILE B 315 6.54 8.70 -9.23
CA ILE B 315 5.56 8.07 -10.09
C ILE B 315 4.40 9.01 -10.34
N GLU B 316 4.02 9.79 -9.34
CA GLU B 316 2.84 10.66 -9.55
C GLU B 316 3.17 11.66 -10.63
N TYR B 317 4.41 12.18 -10.63
CA TYR B 317 4.74 13.21 -11.61
C TYR B 317 4.80 12.58 -13.00
N GLN B 318 5.47 11.45 -13.08
CA GLN B 318 5.70 10.83 -14.40
C GLN B 318 4.40 10.28 -14.97
N ARG B 319 3.59 9.64 -14.13
CA ARG B 319 2.29 9.17 -14.59
C ARG B 319 1.40 10.31 -15.08
N ALA B 320 1.46 11.45 -14.40
CA ALA B 320 0.59 12.56 -14.78
C ALA B 320 1.01 13.01 -16.17
N ARG B 321 2.29 12.86 -16.47
CA ARG B 321 2.82 13.39 -17.70
C ARG B 321 2.65 12.38 -18.84
N PHE B 322 2.84 11.10 -18.57
CA PHE B 322 2.89 10.11 -19.64
C PHE B 322 1.72 9.11 -19.64
N GLY B 323 0.90 9.15 -18.60
CA GLY B 323 -0.30 8.34 -18.56
C GLY B 323 -0.11 6.84 -18.61
N PHE B 324 1.06 6.34 -18.22
CA PHE B 324 1.23 4.89 -18.15
C PHE B 324 0.36 4.31 -17.03
N ALA B 325 0.34 3.00 -16.92
CA ALA B 325 -0.54 2.33 -15.99
C ALA B 325 0.18 2.14 -14.66
N ASP B 326 -0.59 2.15 -13.56
CA ASP B 326 -0.06 1.76 -12.27
C ASP B 326 0.01 0.25 -12.17
N GLU B 327 0.98 -0.35 -12.87
CA GLU B 327 1.12 -1.80 -12.95
C GLU B 327 1.29 -2.48 -11.59
N LEU B 328 1.95 -1.81 -10.67
CA LEU B 328 2.18 -2.40 -9.35
C LEU B 328 1.02 -2.23 -8.38
N GLY B 329 0.04 -1.39 -8.74
CA GLY B 329 -1.06 -1.12 -7.81
C GLY B 329 -0.63 -0.39 -6.54
N PHE B 330 0.37 0.47 -6.65
CA PHE B 330 0.91 1.20 -5.50
C PHE B 330 0.20 2.51 -5.20
N MET B 331 -0.45 3.07 -6.21
CA MET B 331 -0.93 4.44 -6.15
C MET B 331 -2.33 4.51 -5.58
N THR B 332 -2.46 4.00 -4.36
CA THR B 332 -3.77 3.96 -3.74
C THR B 332 -3.91 5.18 -2.84
N VAL B 333 -3.18 5.20 -1.74
CA VAL B 333 -3.26 6.35 -0.85
C VAL B 333 -2.39 7.49 -1.42
N PRO B 334 -2.63 8.72 -0.95
CA PRO B 334 -1.76 9.82 -1.38
C PRO B 334 -0.29 9.60 -0.97
N ILE B 335 0.63 10.26 -1.69
CA ILE B 335 2.08 10.15 -1.39
C ILE B 335 2.54 11.54 -0.97
N PHE B 336 3.36 11.62 0.07
CA PHE B 336 3.94 12.90 0.51
C PHE B 336 5.42 12.70 0.75
N ASP B 337 6.24 13.46 0.02
CA ASP B 337 7.69 13.46 0.25
C ASP B 337 8.24 14.88 0.19
N PRO B 338 8.56 15.45 1.35
CA PRO B 338 9.09 16.83 1.33
C PRO B 338 10.24 17.04 0.34
N ARG B 339 11.15 16.06 0.27
CA ARG B 339 12.36 16.20 -0.54
C ARG B 339 12.12 16.24 -2.05
N THR B 340 10.93 15.85 -2.49
CA THR B 340 10.56 16.00 -3.88
C THR B 340 9.28 16.79 -4.04
N GLY B 341 9.16 17.86 -3.25
CA GLY B 341 8.14 18.86 -3.55
C GLY B 341 6.87 18.69 -2.73
N GLY B 342 6.89 17.77 -1.75
CA GLY B 342 5.69 17.56 -0.93
C GLY B 342 4.82 16.48 -1.53
N SER B 343 3.55 16.76 -1.75
CA SER B 343 2.61 15.72 -2.17
C SER B 343 2.52 15.66 -3.68
N GLY B 344 3.14 14.64 -4.30
CA GLY B 344 2.95 14.46 -5.75
C GLY B 344 1.46 14.24 -6.12
N THR B 345 0.70 13.68 -5.21
CA THR B 345 -0.71 13.45 -5.44
C THR B 345 -1.43 14.80 -5.55
N LEU B 346 -1.22 15.66 -4.56
CA LEU B 346 -1.88 16.96 -4.54
C LEU B 346 -1.49 17.76 -5.77
N LEU B 347 -0.23 17.65 -6.15
CA LEU B 347 0.33 18.54 -7.14
C LEU B 347 0.17 18.10 -8.60
N ALA B 348 0.08 16.79 -8.85
CA ALA B 348 0.20 16.31 -10.23
C ALA B 348 -0.88 15.29 -10.61
N TYR B 349 -1.34 14.50 -9.64
CA TYR B 349 -2.32 13.45 -9.93
C TYR B 349 -3.61 13.97 -10.60
N LYS B 350 -4.01 13.36 -11.71
CA LYS B 350 -5.31 13.64 -12.33
C LYS B 350 -6.17 12.38 -12.35
N PRO B 351 -7.35 12.45 -11.73
CA PRO B 351 -8.32 11.34 -11.71
C PRO B 351 -8.72 10.93 -13.13
N GLN B 352 -9.09 9.66 -13.32
CA GLN B 352 -9.51 9.18 -14.64
C GLN B 352 -10.92 9.65 -15.03
N GLY B 353 -11.20 10.90 -14.71
CA GLY B 353 -12.42 11.58 -15.12
C GLY B 353 -12.10 12.98 -15.62
#